data_1G5B
#
_entry.id   1G5B
#
_cell.length_a   160.400
_cell.length_b   177.300
_cell.length_c   79.100
_cell.angle_alpha   90.00
_cell.angle_beta   90.00
_cell.angle_gamma   90.00
#
_symmetry.space_group_name_H-M   'C 2 2 21'
#
loop_
_entity.id
_entity.type
_entity.pdbx_description
1 polymer 'SERINE/THREONINE PROTEIN PHOSPHATASE'
2 non-polymer 'MANGANESE (II) ION'
3 non-polymer 'MERCURY (II) ION'
4 non-polymer 'SULFATE ION'
5 water water
#
_entity_poly.entity_id   1
_entity_poly.type   'polypeptide(L)'
_entity_poly.pdbx_seq_one_letter_code
;MRYYEKIDGSKYRNIWVVGDLHGCYTNLMNKLDTIGFDNKKDLLISVGDLVDRGAENVECLELITFPWFRAVRGNHEQMM
IDGLSERGNVNHWLLNGGGWFFNLDYDKEILAKALAHKADELPLIIELVSKDKKYVICHADYPFDEYEFGKPVDHQQVIW
NRERISNSQNGIVKEIKGADTFIFGHTPAVKPLKFANQMYIDTGAVFCGNLTLIQVQGAGA
;
_entity_poly.pdbx_strand_id   A,B,C
#
# COMPACT_ATOMS: atom_id res chain seq x y z
N MET A 1 12.12 -4.63 12.12
CA MET A 1 11.85 -6.00 11.59
C MET A 1 12.34 -6.13 10.16
N ARG A 2 12.44 -7.36 9.68
CA ARG A 2 12.87 -7.62 8.33
C ARG A 2 11.73 -8.27 7.55
N TYR A 3 11.55 -7.84 6.30
CA TYR A 3 10.48 -8.36 5.47
C TYR A 3 10.58 -9.86 5.24
N TYR A 4 11.78 -10.32 4.92
CA TYR A 4 11.99 -11.74 4.68
C TYR A 4 12.72 -12.37 5.84
N GLU A 5 12.44 -13.65 6.09
CA GLU A 5 13.08 -14.38 7.17
C GLU A 5 13.27 -15.81 6.66
N LYS A 6 14.50 -16.31 6.78
CA LYS A 6 14.80 -17.66 6.33
C LYS A 6 14.76 -18.63 7.50
N ILE A 7 14.29 -19.84 7.23
CA ILE A 7 14.24 -20.87 8.25
C ILE A 7 14.91 -22.13 7.70
N ASP A 8 15.90 -22.64 8.44
CA ASP A 8 16.62 -23.84 8.04
C ASP A 8 15.87 -25.06 8.56
N GLY A 9 15.12 -25.71 7.68
CA GLY A 9 14.34 -26.87 8.06
C GLY A 9 15.11 -28.02 8.68
N SER A 10 16.38 -28.17 8.34
CA SER A 10 17.19 -29.25 8.87
C SER A 10 17.39 -29.14 10.37
N LYS A 11 16.95 -28.04 10.95
CA LYS A 11 17.10 -27.83 12.39
C LYS A 11 15.93 -28.39 13.20
N TYR A 12 14.93 -28.95 12.51
CA TYR A 12 13.77 -29.51 13.19
C TYR A 12 13.41 -30.85 12.60
N ARG A 13 12.61 -31.60 13.35
CA ARG A 13 12.15 -32.91 12.91
C ARG A 13 10.99 -32.68 11.94
N ASN A 14 9.80 -32.46 12.48
CA ASN A 14 8.61 -32.20 11.66
C ASN A 14 8.29 -30.71 11.59
N ILE A 15 7.78 -30.29 10.45
CA ILE A 15 7.40 -28.90 10.27
C ILE A 15 5.99 -28.82 9.67
N TRP A 16 5.13 -28.02 10.28
CA TRP A 16 3.76 -27.84 9.83
C TRP A 16 3.45 -26.37 9.57
N VAL A 17 2.42 -26.12 8.77
CA VAL A 17 1.98 -24.76 8.48
C VAL A 17 0.48 -24.72 8.74
N VAL A 18 0.03 -23.77 9.54
CA VAL A 18 -1.38 -23.64 9.88
C VAL A 18 -2.01 -22.38 9.26
N GLY A 19 -3.29 -22.49 8.89
CA GLY A 19 -3.99 -21.36 8.31
C GLY A 19 -4.45 -20.36 9.36
N ASP A 20 -5.21 -19.35 8.93
CA ASP A 20 -5.70 -18.29 9.81
C ASP A 20 -6.28 -18.83 11.12
N LEU A 21 -5.76 -18.34 12.24
CA LEU A 21 -6.22 -18.79 13.55
C LEU A 21 -7.36 -17.99 14.18
N HIS A 22 -7.33 -16.68 14.04
CA HIS A 22 -8.36 -15.81 14.59
C HIS A 22 -8.89 -16.26 15.95
N GLY A 23 -7.99 -16.29 16.94
CA GLY A 23 -8.37 -16.67 18.28
C GLY A 23 -8.84 -18.11 18.51
N CYS A 24 -8.55 -19.00 17.58
CA CYS A 24 -8.96 -20.39 17.75
C CYS A 24 -7.82 -21.20 18.39
N TYR A 25 -7.41 -20.75 19.57
CA TYR A 25 -6.31 -21.36 20.33
C TYR A 25 -6.57 -22.80 20.75
N THR A 26 -7.69 -23.04 21.43
CA THR A 26 -8.02 -24.39 21.89
C THR A 26 -8.05 -25.37 20.71
N ASN A 27 -8.61 -24.93 19.59
CA ASN A 27 -8.72 -25.76 18.39
C ASN A 27 -7.30 -26.18 17.98
N LEU A 28 -6.38 -25.22 17.94
CA LEU A 28 -4.99 -25.46 17.56
C LEU A 28 -4.30 -26.46 18.49
N MET A 29 -4.33 -26.16 19.79
CA MET A 29 -3.69 -27.01 20.76
C MET A 29 -4.13 -28.47 20.69
N ASN A 30 -5.43 -28.69 20.47
CA ASN A 30 -5.92 -30.06 20.36
C ASN A 30 -5.37 -30.73 19.11
N LYS A 31 -5.24 -29.97 18.03
CA LYS A 31 -4.73 -30.50 16.78
C LYS A 31 -3.28 -30.94 16.98
N LEU A 32 -2.46 -30.03 17.50
CA LEU A 32 -1.04 -30.34 17.73
C LEU A 32 -0.92 -31.61 18.57
N ASP A 33 -1.76 -31.71 19.59
CA ASP A 33 -1.76 -32.86 20.49
C ASP A 33 -2.17 -34.10 19.71
N THR A 34 -3.10 -33.94 18.78
CA THR A 34 -3.60 -35.03 17.96
C THR A 34 -2.59 -35.52 16.94
N ILE A 35 -1.78 -34.62 16.40
CA ILE A 35 -0.79 -34.99 15.40
C ILE A 35 0.56 -35.40 16.02
N GLY A 36 0.64 -35.35 17.34
CA GLY A 36 1.86 -35.73 18.02
C GLY A 36 2.95 -34.69 17.98
N PHE A 37 2.56 -33.43 17.76
CA PHE A 37 3.52 -32.35 17.71
C PHE A 37 4.34 -32.26 19.00
N ASP A 38 5.66 -32.19 18.84
CA ASP A 38 6.58 -32.09 19.97
C ASP A 38 7.29 -30.74 19.84
N ASN A 39 6.96 -29.80 20.72
CA ASN A 39 7.55 -28.46 20.64
C ASN A 39 9.05 -28.41 20.93
N LYS A 40 9.60 -29.55 21.34
CA LYS A 40 11.03 -29.61 21.62
C LYS A 40 11.77 -30.09 20.38
N LYS A 41 11.03 -30.56 19.39
CA LYS A 41 11.64 -31.05 18.16
C LYS A 41 11.04 -30.44 16.89
N ASP A 42 9.72 -30.32 16.86
CA ASP A 42 9.02 -29.80 15.68
C ASP A 42 8.89 -28.28 15.61
N LEU A 43 8.42 -27.81 14.45
CA LEU A 43 8.24 -26.39 14.21
C LEU A 43 6.89 -26.13 13.54
N LEU A 44 6.20 -25.09 14.01
CA LEU A 44 4.91 -24.71 13.45
C LEU A 44 5.01 -23.32 12.83
N ILE A 45 4.70 -23.24 11.54
CA ILE A 45 4.74 -21.97 10.82
C ILE A 45 3.30 -21.49 10.60
N SER A 46 3.06 -20.21 10.87
CA SER A 46 1.73 -19.63 10.73
C SER A 46 1.65 -18.56 9.65
N VAL A 47 0.54 -18.56 8.92
CA VAL A 47 0.32 -17.59 7.85
C VAL A 47 -0.17 -16.25 8.38
N GLY A 48 -0.32 -16.12 9.69
CA GLY A 48 -0.78 -14.87 10.25
C GLY A 48 -2.27 -14.85 10.54
N ASP A 49 -2.78 -13.66 10.90
CA ASP A 49 -4.19 -13.47 11.27
C ASP A 49 -4.48 -14.33 12.50
N LEU A 50 -3.70 -14.05 13.53
CA LEU A 50 -3.79 -14.75 14.81
C LEU A 50 -4.94 -14.23 15.67
N VAL A 51 -5.33 -12.98 15.45
CA VAL A 51 -6.38 -12.37 16.26
C VAL A 51 -7.59 -11.84 15.50
N ASP A 52 -8.58 -11.39 16.27
CA ASP A 52 -9.83 -10.82 15.77
C ASP A 52 -10.93 -11.83 15.44
N ARG A 53 -12.18 -11.42 15.68
CA ARG A 53 -13.37 -12.23 15.42
C ARG A 53 -13.54 -13.46 16.33
N GLY A 54 -12.42 -14.10 16.66
CA GLY A 54 -12.45 -15.28 17.51
C GLY A 54 -12.50 -15.00 19.00
N ALA A 55 -12.38 -16.04 19.81
CA ALA A 55 -12.46 -15.90 21.27
C ALA A 55 -11.16 -15.82 22.07
N GLU A 56 -10.20 -16.67 21.77
CA GLU A 56 -8.93 -16.69 22.52
C GLU A 56 -7.82 -15.95 21.77
N ASN A 57 -7.98 -14.65 21.64
CA ASN A 57 -7.04 -13.80 20.91
C ASN A 57 -5.68 -13.61 21.58
N VAL A 58 -5.67 -13.30 22.86
CA VAL A 58 -4.41 -13.10 23.56
C VAL A 58 -3.61 -14.41 23.57
N GLU A 59 -4.30 -15.54 23.76
CA GLU A 59 -3.64 -16.83 23.80
C GLU A 59 -2.99 -17.16 22.46
N CYS A 60 -3.65 -16.78 21.36
CA CYS A 60 -3.11 -17.03 20.03
C CYS A 60 -1.96 -16.07 19.71
N LEU A 61 -2.12 -14.80 20.05
CA LEU A 61 -1.09 -13.81 19.77
C LEU A 61 0.19 -14.15 20.52
N GLU A 62 0.01 -14.68 21.73
CA GLU A 62 1.15 -15.03 22.58
C GLU A 62 2.03 -16.13 21.98
N LEU A 63 1.48 -16.92 21.06
CA LEU A 63 2.26 -17.99 20.43
C LEU A 63 3.53 -17.50 19.75
N ILE A 64 3.55 -16.21 19.38
CA ILE A 64 4.73 -15.67 18.70
C ILE A 64 5.92 -15.54 19.64
N THR A 65 5.70 -15.77 20.94
CA THR A 65 6.79 -15.68 21.89
C THR A 65 7.46 -17.03 22.07
N PHE A 66 6.90 -18.06 21.45
CA PHE A 66 7.45 -19.41 21.56
C PHE A 66 8.36 -19.75 20.38
N PRO A 67 9.56 -20.29 20.67
CA PRO A 67 10.54 -20.68 19.66
C PRO A 67 9.98 -21.58 18.56
N TRP A 68 9.16 -22.55 18.96
CA TRP A 68 8.57 -23.48 18.02
C TRP A 68 7.47 -22.91 17.11
N PHE A 69 7.06 -21.68 17.38
CA PHE A 69 6.01 -21.03 16.59
C PHE A 69 6.59 -19.89 15.75
N ARG A 70 6.56 -20.06 14.44
CA ARG A 70 7.11 -19.05 13.55
C ARG A 70 6.02 -18.50 12.64
N ALA A 71 5.62 -17.25 12.88
CA ALA A 71 4.56 -16.66 12.09
C ALA A 71 4.97 -15.51 11.22
N VAL A 72 4.17 -15.28 10.21
CA VAL A 72 4.36 -14.16 9.32
C VAL A 72 3.17 -13.27 9.72
N ARG A 73 3.30 -11.95 9.65
CA ARG A 73 2.19 -11.10 10.03
C ARG A 73 1.06 -11.12 9.00
N GLY A 74 -0.17 -11.01 9.50
CA GLY A 74 -1.34 -11.00 8.61
C GLY A 74 -1.90 -9.58 8.58
N ASN A 75 -2.90 -9.32 7.74
CA ASN A 75 -3.46 -7.98 7.70
C ASN A 75 -4.14 -7.61 9.03
N HIS A 76 -4.57 -8.62 9.79
CA HIS A 76 -5.19 -8.33 11.07
C HIS A 76 -4.13 -7.87 12.07
N GLU A 77 -2.94 -8.48 12.04
CA GLU A 77 -1.90 -8.03 12.96
C GLU A 77 -1.56 -6.58 12.62
N GLN A 78 -1.51 -6.27 11.33
CA GLN A 78 -1.19 -4.92 10.90
C GLN A 78 -2.25 -3.92 11.36
N MET A 79 -3.52 -4.29 11.25
CA MET A 79 -4.59 -3.38 11.68
C MET A 79 -4.53 -3.15 13.19
N MET A 80 -4.18 -4.20 13.93
CA MET A 80 -4.05 -4.08 15.37
C MET A 80 -2.89 -3.14 15.70
N ILE A 81 -1.74 -3.41 15.08
CA ILE A 81 -0.57 -2.58 15.30
C ILE A 81 -0.84 -1.12 14.94
N ASP A 82 -1.38 -0.86 13.75
CA ASP A 82 -1.66 0.51 13.36
C ASP A 82 -2.69 1.14 14.29
N GLY A 83 -3.68 0.35 14.67
CA GLY A 83 -4.73 0.85 15.55
C GLY A 83 -4.20 1.28 16.90
N LEU A 84 -3.27 0.50 17.45
CA LEU A 84 -2.71 0.82 18.75
C LEU A 84 -1.59 1.85 18.65
N SER A 85 -1.15 2.14 17.44
CA SER A 85 -0.06 3.10 17.25
C SER A 85 -0.46 4.49 17.75
N GLU A 86 0.51 5.19 18.33
CA GLU A 86 0.31 6.53 18.88
C GLU A 86 -0.52 7.46 18.00
N ARG A 87 -0.38 7.33 16.68
CA ARG A 87 -1.13 8.17 15.75
C ARG A 87 -2.04 7.31 14.88
N GLY A 88 -2.40 6.14 15.40
CA GLY A 88 -3.24 5.22 14.65
C GLY A 88 -4.74 5.35 14.86
N ASN A 89 -5.50 4.85 13.90
CA ASN A 89 -6.96 4.88 13.95
C ASN A 89 -7.48 3.46 14.07
N VAL A 90 -8.23 3.20 15.14
CA VAL A 90 -8.78 1.87 15.39
C VAL A 90 -10.00 1.50 14.55
N ASN A 91 -10.58 2.49 13.88
CA ASN A 91 -11.77 2.30 13.04
C ASN A 91 -11.73 1.00 12.24
N HIS A 92 -10.76 0.93 11.32
CA HIS A 92 -10.58 -0.21 10.46
C HIS A 92 -10.47 -1.51 11.25
N TRP A 93 -9.70 -1.47 12.33
CA TRP A 93 -9.50 -2.65 13.16
C TRP A 93 -10.81 -3.09 13.80
N LEU A 94 -11.57 -2.16 14.35
CA LEU A 94 -12.85 -2.49 14.97
C LEU A 94 -13.84 -3.05 13.94
N LEU A 95 -13.74 -2.57 12.71
CA LEU A 95 -14.61 -3.04 11.62
C LEU A 95 -14.20 -4.41 11.13
N ASN A 96 -13.15 -4.96 11.72
CA ASN A 96 -12.67 -6.27 11.33
C ASN A 96 -12.53 -7.23 12.52
N GLY A 97 -13.28 -6.97 13.58
CA GLY A 97 -13.29 -7.82 14.75
C GLY A 97 -12.27 -7.56 15.84
N GLY A 98 -11.72 -6.34 15.88
CA GLY A 98 -10.72 -6.03 16.90
C GLY A 98 -11.30 -5.68 18.27
N GLY A 99 -12.63 -5.69 18.37
CA GLY A 99 -13.28 -5.36 19.64
C GLY A 99 -12.80 -6.11 20.87
N TRP A 100 -12.34 -7.35 20.70
CA TRP A 100 -11.88 -8.15 21.83
C TRP A 100 -10.86 -7.41 22.71
N PHE A 101 -10.01 -6.59 22.06
CA PHE A 101 -8.99 -5.84 22.79
C PHE A 101 -9.58 -4.90 23.82
N PHE A 102 -10.68 -4.23 23.49
CA PHE A 102 -11.30 -3.29 24.41
C PHE A 102 -12.27 -3.97 25.37
N ASN A 103 -12.19 -5.29 25.43
CA ASN A 103 -13.04 -6.08 26.31
C ASN A 103 -12.20 -6.96 27.25
N LEU A 104 -10.90 -6.68 27.30
CA LEU A 104 -9.97 -7.45 28.14
C LEU A 104 -9.91 -6.89 29.55
N ASP A 105 -9.48 -7.72 30.50
CA ASP A 105 -9.34 -7.26 31.87
C ASP A 105 -8.10 -6.36 31.86
N TYR A 106 -7.90 -5.58 32.91
CA TYR A 106 -6.77 -4.66 32.99
C TYR A 106 -5.41 -5.34 32.81
N ASP A 107 -5.26 -6.49 33.45
CA ASP A 107 -4.03 -7.27 33.37
C ASP A 107 -3.77 -7.64 31.92
N LYS A 108 -4.74 -8.31 31.31
CA LYS A 108 -4.62 -8.77 29.93
C LYS A 108 -4.42 -7.67 28.91
N GLU A 109 -5.04 -6.51 29.13
CA GLU A 109 -4.88 -5.41 28.19
C GLU A 109 -3.41 -5.03 28.09
N ILE A 110 -2.74 -4.97 29.25
CA ILE A 110 -1.33 -4.65 29.30
C ILE A 110 -0.53 -5.71 28.55
N LEU A 111 -0.83 -6.98 28.83
CA LEU A 111 -0.14 -8.06 28.15
C LEU A 111 -0.37 -7.98 26.64
N ALA A 112 -1.62 -7.74 26.24
CA ALA A 112 -1.98 -7.64 24.83
C ALA A 112 -1.20 -6.53 24.17
N LYS A 113 -1.07 -5.41 24.85
CA LYS A 113 -0.35 -4.26 24.32
C LYS A 113 1.13 -4.58 24.10
N ALA A 114 1.74 -5.33 25.02
CA ALA A 114 3.14 -5.69 24.87
C ALA A 114 3.31 -6.69 23.72
N LEU A 115 2.37 -7.62 23.58
CA LEU A 115 2.42 -8.61 22.52
C LEU A 115 2.23 -7.98 21.15
N ALA A 116 1.46 -6.91 21.10
CA ALA A 116 1.22 -6.23 19.83
C ALA A 116 2.54 -5.63 19.38
N HIS A 117 3.32 -5.15 20.34
CA HIS A 117 4.62 -4.56 20.03
C HIS A 117 5.52 -5.62 19.42
N LYS A 118 5.48 -6.83 19.97
CA LYS A 118 6.29 -7.93 19.45
C LYS A 118 5.81 -8.37 18.07
N ALA A 119 4.50 -8.25 17.84
CA ALA A 119 3.93 -8.64 16.56
C ALA A 119 4.51 -7.74 15.46
N ASP A 120 4.85 -6.50 15.82
CA ASP A 120 5.42 -5.58 14.84
C ASP A 120 6.84 -5.98 14.46
N GLU A 121 7.34 -7.07 15.06
CA GLU A 121 8.67 -7.56 14.75
C GLU A 121 8.55 -8.73 13.78
N LEU A 122 7.30 -9.15 13.51
CA LEU A 122 7.05 -10.26 12.61
C LEU A 122 7.37 -9.94 11.15
N PRO A 123 7.93 -10.90 10.43
CA PRO A 123 8.28 -10.72 9.02
C PRO A 123 7.03 -10.79 8.16
N LEU A 124 7.17 -10.40 6.90
CA LEU A 124 6.06 -10.45 5.95
C LEU A 124 6.13 -11.73 5.14
N ILE A 125 7.35 -12.26 5.00
CA ILE A 125 7.55 -13.46 4.22
C ILE A 125 8.52 -14.44 4.90
N ILE A 126 8.20 -15.72 4.84
CA ILE A 126 9.07 -16.73 5.43
C ILE A 126 9.53 -17.72 4.36
N GLU A 127 10.84 -17.88 4.25
CA GLU A 127 11.42 -18.83 3.29
C GLU A 127 11.91 -20.03 4.08
N LEU A 128 11.34 -21.18 3.78
CA LEU A 128 11.70 -22.40 4.48
C LEU A 128 12.35 -23.40 3.53
N VAL A 129 13.60 -23.74 3.81
CA VAL A 129 14.32 -24.70 2.97
C VAL A 129 14.21 -26.04 3.66
N SER A 130 13.69 -27.02 2.93
CA SER A 130 13.51 -28.36 3.47
C SER A 130 13.85 -29.41 2.43
N LYS A 131 14.86 -30.23 2.73
CA LYS A 131 15.28 -31.29 1.83
C LYS A 131 15.40 -30.84 0.38
N ASP A 132 16.21 -29.82 0.14
CA ASP A 132 16.42 -29.31 -1.20
C ASP A 132 15.12 -28.81 -1.82
N LYS A 133 14.16 -28.48 -0.97
CA LYS A 133 12.87 -27.97 -1.42
C LYS A 133 12.67 -26.60 -0.76
N LYS A 134 12.22 -25.61 -1.52
CA LYS A 134 12.01 -24.28 -0.98
C LYS A 134 10.53 -23.88 -0.92
N TYR A 135 10.08 -23.54 0.29
CA TYR A 135 8.70 -23.13 0.53
C TYR A 135 8.64 -21.67 0.97
N VAL A 136 7.73 -20.91 0.36
CA VAL A 136 7.53 -19.51 0.70
C VAL A 136 6.15 -19.31 1.35
N ILE A 137 6.13 -18.70 2.53
CA ILE A 137 4.90 -18.45 3.24
C ILE A 137 4.62 -16.95 3.39
N CYS A 138 3.42 -16.54 2.95
CA CYS A 138 2.95 -15.15 3.04
C CYS A 138 1.50 -15.23 3.48
N HIS A 139 0.97 -14.15 4.06
CA HIS A 139 -0.41 -14.20 4.50
C HIS A 139 -1.41 -14.27 3.34
N ALA A 140 -1.33 -13.32 2.41
CA ALA A 140 -2.27 -13.29 1.30
C ALA A 140 -1.66 -13.66 -0.05
N ASP A 141 -0.47 -13.17 -0.34
CA ASP A 141 0.14 -13.44 -1.62
C ASP A 141 1.56 -12.87 -1.74
N TYR A 142 2.28 -13.35 -2.75
CA TYR A 142 3.62 -12.85 -3.07
C TYR A 142 3.34 -12.22 -4.43
N PRO A 143 3.14 -10.90 -4.45
CA PRO A 143 2.83 -10.12 -5.65
C PRO A 143 3.83 -10.06 -6.80
N PHE A 144 4.53 -11.15 -7.08
CA PHE A 144 5.49 -11.19 -8.18
C PHE A 144 5.43 -12.50 -8.96
N ASP A 145 5.75 -12.44 -10.24
CA ASP A 145 5.76 -13.64 -11.09
C ASP A 145 6.96 -14.48 -10.67
N GLU A 146 7.97 -13.82 -10.14
CA GLU A 146 9.18 -14.49 -9.70
C GLU A 146 9.57 -14.08 -8.27
N TYR A 147 9.86 -15.10 -7.46
CA TYR A 147 10.25 -14.89 -6.08
C TYR A 147 11.76 -14.67 -5.95
N GLU A 148 12.13 -13.71 -5.12
CA GLU A 148 13.55 -13.42 -4.87
C GLU A 148 13.71 -12.90 -3.46
N PHE A 149 14.44 -13.66 -2.63
CA PHE A 149 14.67 -13.26 -1.25
C PHE A 149 15.15 -11.81 -1.19
N GLY A 150 14.59 -11.03 -0.27
CA GLY A 150 15.00 -9.65 -0.13
C GLY A 150 14.45 -8.64 -1.12
N LYS A 151 13.73 -9.11 -2.13
CA LYS A 151 13.16 -8.20 -3.13
C LYS A 151 12.13 -7.29 -2.44
N PRO A 152 12.36 -5.96 -2.48
CA PRO A 152 11.42 -5.04 -1.84
C PRO A 152 10.00 -5.25 -2.36
N VAL A 153 9.02 -5.07 -1.48
CA VAL A 153 7.63 -5.27 -1.87
C VAL A 153 6.69 -4.43 -1.00
N ASP A 154 5.51 -4.11 -1.55
CA ASP A 154 4.51 -3.34 -0.81
C ASP A 154 3.85 -4.31 0.15
N HIS A 155 4.02 -4.08 1.45
CA HIS A 155 3.45 -4.96 2.46
C HIS A 155 1.94 -5.11 2.30
N GLN A 156 1.27 -4.05 1.88
CA GLN A 156 -0.17 -4.08 1.71
C GLN A 156 -0.59 -5.19 0.77
N GLN A 157 0.16 -5.38 -0.32
CA GLN A 157 -0.14 -6.41 -1.29
C GLN A 157 0.11 -7.81 -0.74
N VAL A 158 1.18 -7.97 0.03
CA VAL A 158 1.51 -9.26 0.61
C VAL A 158 0.44 -9.75 1.59
N ILE A 159 -0.18 -8.81 2.30
CA ILE A 159 -1.20 -9.17 3.29
C ILE A 159 -2.66 -8.89 2.95
N TRP A 160 -2.94 -8.17 1.86
CA TRP A 160 -4.33 -7.89 1.49
C TRP A 160 -4.77 -8.43 0.13
N ASN A 161 -3.87 -8.44 -0.84
CA ASN A 161 -4.22 -8.89 -2.18
C ASN A 161 -4.93 -10.23 -2.33
N ARG A 162 -5.99 -10.22 -3.12
CA ARG A 162 -6.76 -11.43 -3.42
C ARG A 162 -6.87 -11.59 -4.93
N GLU A 163 -6.16 -10.74 -5.67
CA GLU A 163 -6.20 -10.79 -7.12
C GLU A 163 -5.70 -12.10 -7.71
N ARG A 164 -4.66 -12.68 -7.14
CA ARG A 164 -4.12 -13.93 -7.67
C ARG A 164 -5.08 -15.09 -7.47
N ILE A 165 -5.53 -15.32 -6.24
CA ILE A 165 -6.44 -16.44 -5.98
C ILE A 165 -7.73 -16.23 -6.79
N SER A 166 -8.08 -14.97 -7.00
CA SER A 166 -9.27 -14.62 -7.76
C SER A 166 -9.17 -15.11 -9.19
N ASN A 167 -8.04 -14.83 -9.85
CA ASN A 167 -7.84 -15.26 -11.22
C ASN A 167 -7.74 -16.78 -11.30
N SER A 168 -7.07 -17.38 -10.34
CA SER A 168 -6.90 -18.82 -10.29
C SER A 168 -8.26 -19.51 -10.26
N GLN A 169 -9.23 -18.88 -9.60
CA GLN A 169 -10.55 -19.45 -9.49
C GLN A 169 -11.35 -19.17 -10.76
N ASN A 170 -10.88 -18.20 -11.55
CA ASN A 170 -11.56 -17.86 -12.80
C ASN A 170 -10.90 -18.59 -13.97
N GLY A 171 -10.01 -19.53 -13.66
CA GLY A 171 -9.35 -20.29 -14.70
C GLY A 171 -7.95 -19.82 -15.03
N ILE A 172 -7.67 -18.55 -14.77
CA ILE A 172 -6.35 -17.96 -15.02
C ILE A 172 -5.37 -18.43 -13.97
N VAL A 173 -4.62 -19.49 -14.29
CA VAL A 173 -3.65 -20.03 -13.36
C VAL A 173 -2.23 -19.90 -13.89
N LYS A 174 -1.31 -19.54 -13.00
CA LYS A 174 0.10 -19.38 -13.36
C LYS A 174 0.99 -19.73 -12.18
N GLU A 175 2.16 -20.27 -12.49
CA GLU A 175 3.13 -20.65 -11.47
C GLU A 175 3.99 -19.45 -11.07
N ILE A 176 4.59 -19.52 -9.90
CA ILE A 176 5.46 -18.45 -9.43
C ILE A 176 6.87 -19.02 -9.39
N LYS A 177 7.75 -18.48 -10.20
CA LYS A 177 9.14 -18.95 -10.25
C LYS A 177 9.90 -18.49 -9.02
N GLY A 178 10.96 -19.22 -8.68
CA GLY A 178 11.76 -18.82 -7.53
C GLY A 178 11.74 -19.77 -6.35
N ALA A 179 10.67 -20.53 -6.21
CA ALA A 179 10.55 -21.47 -5.10
C ALA A 179 9.69 -22.64 -5.50
N ASP A 180 9.74 -23.72 -4.73
CA ASP A 180 8.95 -24.90 -5.03
C ASP A 180 7.46 -24.69 -4.77
N THR A 181 7.11 -24.40 -3.52
CA THR A 181 5.72 -24.21 -3.16
C THR A 181 5.46 -22.92 -2.36
N PHE A 182 4.32 -22.30 -2.63
CA PHE A 182 3.91 -21.09 -1.93
C PHE A 182 2.69 -21.46 -1.09
N ILE A 183 2.66 -20.98 0.14
CA ILE A 183 1.55 -21.27 1.04
C ILE A 183 0.96 -19.99 1.62
N PHE A 184 -0.33 -19.79 1.40
CA PHE A 184 -1.03 -18.60 1.88
C PHE A 184 -2.30 -18.94 2.67
N GLY A 185 -2.85 -17.91 3.31
CA GLY A 185 -4.08 -18.05 4.06
C GLY A 185 -4.92 -16.89 3.57
N HIS A 186 -5.47 -16.10 4.50
CA HIS A 186 -6.24 -14.91 4.17
C HIS A 186 -7.60 -15.09 3.47
N THR A 187 -7.65 -15.86 2.39
CA THR A 187 -8.89 -16.09 1.67
C THR A 187 -9.49 -17.44 2.01
N PRO A 188 -10.58 -17.46 2.80
CA PRO A 188 -11.27 -18.68 3.23
C PRO A 188 -11.84 -19.51 2.09
N ALA A 189 -11.91 -20.82 2.31
CA ALA A 189 -12.45 -21.75 1.33
C ALA A 189 -12.85 -23.02 2.08
N VAL A 190 -13.89 -23.69 1.60
CA VAL A 190 -14.37 -24.90 2.26
C VAL A 190 -13.26 -25.93 2.47
N LYS A 191 -12.42 -26.11 1.45
CA LYS A 191 -11.31 -27.05 1.53
C LYS A 191 -10.04 -26.37 1.05
N PRO A 192 -8.87 -26.90 1.46
CA PRO A 192 -7.61 -26.31 1.04
C PRO A 192 -7.51 -26.35 -0.48
N LEU A 193 -7.11 -25.24 -1.09
CA LEU A 193 -7.01 -25.17 -2.54
C LEU A 193 -5.56 -25.20 -3.01
N LYS A 194 -5.38 -25.43 -4.30
CA LYS A 194 -4.05 -25.46 -4.89
C LYS A 194 -4.09 -25.18 -6.38
N PHE A 195 -3.47 -24.08 -6.77
CA PHE A 195 -3.40 -23.67 -8.17
C PHE A 195 -1.92 -23.51 -8.51
N ALA A 196 -1.46 -24.26 -9.50
CA ALA A 196 -0.06 -24.23 -9.91
C ALA A 196 0.76 -24.67 -8.70
N ASN A 197 1.69 -23.82 -8.26
CA ASN A 197 2.50 -24.16 -7.10
C ASN A 197 2.13 -23.30 -5.90
N GLN A 198 0.85 -22.92 -5.84
CA GLN A 198 0.34 -22.10 -4.74
C GLN A 198 -0.73 -22.85 -3.96
N MET A 199 -0.59 -22.85 -2.64
CA MET A 199 -1.54 -23.51 -1.76
C MET A 199 -2.26 -22.50 -0.87
N TYR A 200 -3.54 -22.75 -0.62
CA TYR A 200 -4.34 -21.90 0.24
C TYR A 200 -4.92 -22.76 1.36
N ILE A 201 -4.54 -22.47 2.60
CA ILE A 201 -5.01 -23.28 3.72
C ILE A 201 -5.92 -22.63 4.75
N ASP A 202 -6.55 -21.53 4.38
CA ASP A 202 -7.48 -20.87 5.28
C ASP A 202 -8.86 -21.50 5.07
N THR A 203 -9.24 -22.43 5.95
CA THR A 203 -10.54 -23.08 5.85
C THR A 203 -11.57 -22.51 6.81
N GLY A 204 -11.38 -21.24 7.18
CA GLY A 204 -12.32 -20.56 8.07
C GLY A 204 -12.55 -21.17 9.45
N ALA A 205 -11.48 -21.41 10.19
CA ALA A 205 -11.60 -22.00 11.52
C ALA A 205 -12.50 -21.20 12.46
N VAL A 206 -12.37 -19.87 12.44
CA VAL A 206 -13.16 -19.02 13.33
C VAL A 206 -14.66 -19.11 13.01
N PHE A 207 -14.97 -19.32 11.73
CA PHE A 207 -16.35 -19.41 11.25
C PHE A 207 -17.01 -20.76 11.55
N CYS A 208 -16.36 -21.86 11.18
CA CYS A 208 -16.94 -23.18 11.38
C CYS A 208 -16.17 -24.17 12.26
N GLY A 209 -14.92 -23.85 12.57
CA GLY A 209 -14.14 -24.74 13.41
C GLY A 209 -13.16 -25.63 12.67
N ASN A 210 -13.12 -25.52 11.34
CA ASN A 210 -12.21 -26.34 10.55
C ASN A 210 -10.87 -25.61 10.39
N LEU A 211 -9.89 -25.98 11.20
CA LEU A 211 -8.58 -25.37 11.14
C LEU A 211 -7.64 -26.36 10.45
N THR A 212 -6.99 -25.94 9.37
CA THR A 212 -6.11 -26.85 8.67
C THR A 212 -4.62 -26.64 8.88
N LEU A 213 -3.93 -27.74 9.16
CA LEU A 213 -2.48 -27.77 9.36
C LEU A 213 -1.88 -28.74 8.36
N ILE A 214 -0.95 -28.26 7.53
CA ILE A 214 -0.30 -29.13 6.55
C ILE A 214 1.14 -29.39 6.97
N GLN A 215 1.56 -30.65 6.86
CA GLN A 215 2.91 -31.03 7.21
C GLN A 215 3.81 -30.85 6.00
N VAL A 216 4.88 -30.07 6.14
CA VAL A 216 5.80 -29.83 5.03
C VAL A 216 7.13 -30.54 5.18
N GLN A 217 7.33 -31.21 6.31
CA GLN A 217 8.58 -31.94 6.54
C GLN A 217 8.41 -33.04 7.59
N GLY A 218 9.19 -34.11 7.45
CA GLY A 218 9.14 -35.21 8.39
C GLY A 218 8.06 -36.21 8.05
N ALA A 219 7.76 -37.10 9.00
CA ALA A 219 6.73 -38.13 8.81
C ALA A 219 6.98 -38.94 7.54
N MET B 1 38.35 18.68 6.45
CA MET B 1 38.17 17.71 5.32
C MET B 1 39.44 16.89 5.13
N ARG B 2 39.33 15.58 5.37
CA ARG B 2 40.45 14.67 5.22
C ARG B 2 40.16 13.67 4.10
N TYR B 3 41.20 13.36 3.34
CA TYR B 3 41.08 12.43 2.23
C TYR B 3 40.67 11.04 2.70
N TYR B 4 41.34 10.53 3.73
CA TYR B 4 41.00 9.23 4.30
C TYR B 4 40.23 9.46 5.59
N GLU B 5 39.34 8.53 5.92
CA GLU B 5 38.52 8.62 7.12
C GLU B 5 38.33 7.20 7.67
N LYS B 6 38.55 7.03 8.96
CA LYS B 6 38.39 5.72 9.58
C LYS B 6 37.05 5.58 10.28
N ILE B 7 36.52 4.35 10.30
CA ILE B 7 35.26 4.09 10.98
C ILE B 7 35.41 2.83 11.80
N ASP B 8 35.10 2.93 13.09
CA ASP B 8 35.19 1.80 14.01
C ASP B 8 33.84 1.09 13.98
N GLY B 9 33.80 -0.07 13.35
CA GLY B 9 32.56 -0.81 13.25
C GLY B 9 31.93 -1.27 14.55
N SER B 10 32.74 -1.48 15.58
CA SER B 10 32.22 -1.95 16.88
C SER B 10 31.18 -0.98 17.46
N LYS B 11 31.21 0.26 16.99
CA LYS B 11 30.27 1.27 17.46
C LYS B 11 28.88 1.14 16.83
N TYR B 12 28.68 0.13 15.97
CA TYR B 12 27.38 -0.06 15.33
C TYR B 12 26.94 -1.51 15.37
N ARG B 13 25.66 -1.73 15.10
CA ARG B 13 25.12 -3.08 15.07
C ARG B 13 25.40 -3.66 13.68
N ASN B 14 24.55 -3.30 12.72
CA ASN B 14 24.73 -3.76 11.33
C ASN B 14 25.29 -2.64 10.48
N ILE B 15 26.12 -3.00 9.50
CA ILE B 15 26.71 -2.01 8.61
C ILE B 15 26.50 -2.46 7.16
N TRP B 16 25.98 -1.57 6.34
CA TRP B 16 25.72 -1.86 4.93
C TRP B 16 26.43 -0.85 4.03
N VAL B 17 26.72 -1.26 2.80
CA VAL B 17 27.33 -0.37 1.83
C VAL B 17 26.40 -0.33 0.61
N VAL B 18 26.15 0.88 0.11
CA VAL B 18 25.24 1.05 -1.03
C VAL B 18 25.94 1.66 -2.25
N GLY B 19 25.54 1.21 -3.44
CA GLY B 19 26.13 1.71 -4.67
C GLY B 19 25.63 3.08 -5.08
N ASP B 20 26.06 3.55 -6.25
CA ASP B 20 25.66 4.87 -6.77
C ASP B 20 24.16 5.07 -6.62
N LEU B 21 23.78 6.19 -5.99
CA LEU B 21 22.38 6.51 -5.75
C LEU B 21 21.71 7.35 -6.84
N HIS B 22 22.41 8.37 -7.33
CA HIS B 22 21.90 9.22 -8.39
C HIS B 22 20.40 9.57 -8.27
N GLY B 23 20.04 10.19 -7.15
CA GLY B 23 18.66 10.59 -6.94
C GLY B 23 17.62 9.51 -6.75
N CYS B 24 18.01 8.29 -6.42
CA CYS B 24 17.04 7.22 -6.22
C CYS B 24 16.74 7.04 -4.72
N TYR B 25 16.26 8.13 -4.11
CA TYR B 25 15.94 8.18 -2.69
C TYR B 25 14.87 7.18 -2.23
N THR B 26 13.72 7.18 -2.89
CA THR B 26 12.63 6.28 -2.52
C THR B 26 13.07 4.82 -2.62
N ASN B 27 13.82 4.51 -3.67
CA ASN B 27 14.33 3.16 -3.86
C ASN B 27 15.14 2.76 -2.62
N LEU B 28 16.00 3.66 -2.17
CA LEU B 28 16.85 3.40 -1.01
C LEU B 28 15.99 3.19 0.24
N MET B 29 15.07 4.11 0.49
CA MET B 29 14.20 4.01 1.66
C MET B 29 13.44 2.68 1.69
N ASN B 30 12.94 2.22 0.54
CA ASN B 30 12.21 0.94 0.52
C ASN B 30 13.13 -0.23 0.81
N LYS B 31 14.37 -0.13 0.34
CA LYS B 31 15.35 -1.17 0.57
C LYS B 31 15.68 -1.20 2.06
N LEU B 32 15.92 -0.03 2.63
CA LEU B 32 16.24 0.04 4.05
C LEU B 32 15.13 -0.55 4.91
N ASP B 33 13.87 -0.35 4.49
CA ASP B 33 12.74 -0.90 5.22
C ASP B 33 12.75 -2.42 5.11
N THR B 34 12.98 -2.90 3.89
CA THR B 34 13.01 -4.33 3.61
C THR B 34 14.05 -5.12 4.39
N ILE B 35 15.25 -4.55 4.55
CA ILE B 35 16.33 -5.24 5.26
C ILE B 35 16.29 -5.06 6.78
N GLY B 36 15.45 -4.15 7.25
CA GLY B 36 15.35 -3.95 8.68
C GLY B 36 16.40 -3.02 9.24
N PHE B 37 16.79 -2.03 8.45
CA PHE B 37 17.79 -1.08 8.87
C PHE B 37 17.20 -0.19 9.97
N ASP B 38 17.95 -0.01 11.06
CA ASP B 38 17.52 0.84 12.18
C ASP B 38 18.54 1.95 12.30
N ASN B 39 18.17 3.15 11.84
CA ASN B 39 19.09 4.29 11.87
C ASN B 39 19.56 4.73 13.24
N LYS B 40 19.14 4.01 14.29
CA LYS B 40 19.56 4.34 15.64
C LYS B 40 20.63 3.34 16.08
N LYS B 41 20.78 2.26 15.32
CA LYS B 41 21.75 1.22 15.64
C LYS B 41 22.72 0.93 14.50
N ASP B 42 22.20 0.93 13.27
CA ASP B 42 23.00 0.59 12.09
C ASP B 42 23.67 1.73 11.35
N LEU B 43 24.57 1.37 10.44
CA LEU B 43 25.33 2.33 9.65
C LEU B 43 25.23 2.03 8.16
N LEU B 44 25.06 3.07 7.34
CA LEU B 44 24.98 2.90 5.90
C LEU B 44 26.12 3.70 5.30
N ILE B 45 27.04 3.01 4.62
CA ILE B 45 28.16 3.67 3.98
C ILE B 45 27.84 3.77 2.49
N SER B 46 28.14 4.91 1.88
CA SER B 46 27.86 5.12 0.47
C SER B 46 29.11 5.38 -0.37
N VAL B 47 29.10 4.86 -1.62
CA VAL B 47 30.22 5.03 -2.54
C VAL B 47 30.17 6.36 -3.27
N GLY B 48 29.21 7.20 -2.92
CA GLY B 48 29.10 8.50 -3.58
C GLY B 48 28.20 8.48 -4.81
N ASP B 49 28.24 9.57 -5.59
CA ASP B 49 27.39 9.72 -6.77
C ASP B 49 25.95 9.66 -6.26
N LEU B 50 25.63 10.62 -5.40
CA LEU B 50 24.32 10.72 -4.78
C LEU B 50 23.37 11.51 -5.66
N VAL B 51 23.94 12.31 -6.55
CA VAL B 51 23.13 13.17 -7.41
C VAL B 51 23.40 13.04 -8.90
N ASP B 52 22.53 13.70 -9.67
CA ASP B 52 22.56 13.76 -11.14
C ASP B 52 21.80 12.61 -11.81
N ARG B 53 21.16 12.94 -12.92
CA ARG B 53 20.38 12.01 -13.73
C ARG B 53 19.10 11.47 -13.11
N GLY B 54 19.10 11.29 -11.80
CA GLY B 54 17.92 10.77 -11.12
C GLY B 54 16.85 11.80 -10.82
N ALA B 55 15.87 11.43 -10.01
CA ALA B 55 14.78 12.35 -9.70
C ALA B 55 14.81 13.04 -8.34
N GLU B 56 15.20 12.31 -7.28
CA GLU B 56 15.21 12.86 -5.92
C GLU B 56 16.62 13.23 -5.46
N ASN B 57 17.21 14.16 -6.18
CA ASN B 57 18.57 14.61 -5.90
C ASN B 57 18.84 15.29 -4.56
N VAL B 58 18.04 16.28 -4.22
CA VAL B 58 18.24 16.97 -2.95
C VAL B 58 18.02 16.00 -1.80
N GLU B 59 17.06 15.10 -1.95
CA GLU B 59 16.78 14.13 -0.90
C GLU B 59 17.95 13.19 -0.64
N CYS B 60 18.64 12.80 -1.72
CA CYS B 60 19.79 11.90 -1.56
C CYS B 60 20.98 12.66 -0.99
N LEU B 61 21.20 13.87 -1.48
CA LEU B 61 22.33 14.67 -1.02
C LEU B 61 22.20 15.00 0.46
N GLU B 62 20.97 15.25 0.89
CA GLU B 62 20.69 15.58 2.29
C GLU B 62 21.08 14.45 3.24
N LEU B 63 21.21 13.24 2.71
CA LEU B 63 21.58 12.08 3.53
C LEU B 63 22.91 12.26 4.26
N ILE B 64 23.84 13.00 3.66
CA ILE B 64 25.15 13.21 4.28
C ILE B 64 25.00 14.03 5.56
N THR B 65 23.76 14.42 5.84
CA THR B 65 23.40 15.22 7.00
C THR B 65 23.19 14.36 8.25
N PHE B 66 22.91 13.08 8.05
CA PHE B 66 22.66 12.18 9.17
C PHE B 66 23.86 11.35 9.62
N PRO B 67 23.97 11.12 10.93
CA PRO B 67 25.06 10.35 11.55
C PRO B 67 25.13 8.90 11.10
N TRP B 68 24.00 8.36 10.67
CA TRP B 68 23.94 6.97 10.24
C TRP B 68 24.30 6.78 8.76
N PHE B 69 24.57 7.88 8.07
CA PHE B 69 24.92 7.85 6.64
C PHE B 69 26.34 8.36 6.44
N ARG B 70 27.25 7.47 6.08
CA ARG B 70 28.63 7.86 5.86
C ARG B 70 29.02 7.70 4.40
N ALA B 71 29.15 8.81 3.69
CA ALA B 71 29.49 8.74 2.29
C ALA B 71 30.91 9.14 1.97
N VAL B 72 31.37 8.63 0.83
CA VAL B 72 32.66 8.97 0.30
C VAL B 72 32.21 9.83 -0.89
N ARG B 73 33.08 10.72 -1.30
CA ARG B 73 32.81 11.64 -2.41
C ARG B 73 32.88 10.94 -3.76
N GLY B 74 31.90 11.22 -4.62
CA GLY B 74 31.90 10.63 -5.96
C GLY B 74 32.29 11.68 -6.99
N ASN B 75 32.52 11.30 -8.24
CA ASN B 75 32.88 12.29 -9.25
C ASN B 75 31.72 13.23 -9.55
N HIS B 76 30.48 12.81 -9.30
CA HIS B 76 29.37 13.71 -9.54
C HIS B 76 29.33 14.76 -8.45
N GLU B 77 29.62 14.37 -7.20
CA GLU B 77 29.63 15.36 -6.12
C GLU B 77 30.70 16.38 -6.47
N GLN B 78 31.83 15.90 -6.94
CA GLN B 78 32.93 16.77 -7.32
C GLN B 78 32.55 17.71 -8.46
N MET B 79 31.85 17.21 -9.47
CA MET B 79 31.45 18.08 -10.58
C MET B 79 30.45 19.14 -10.12
N MET B 80 29.58 18.75 -9.17
CA MET B 80 28.59 19.66 -8.63
C MET B 80 29.30 20.77 -7.82
N ILE B 81 30.24 20.37 -6.98
CA ILE B 81 31.00 21.30 -6.17
C ILE B 81 31.79 22.26 -7.06
N ASP B 82 32.45 21.72 -8.07
CA ASP B 82 33.22 22.55 -8.99
C ASP B 82 32.29 23.43 -9.81
N GLY B 83 31.12 22.89 -10.14
CA GLY B 83 30.17 23.65 -10.93
C GLY B 83 29.62 24.85 -10.19
N LEU B 84 29.35 24.69 -8.90
CA LEU B 84 28.82 25.78 -8.09
C LEU B 84 29.90 26.67 -7.47
N SER B 85 31.16 26.41 -7.81
CA SER B 85 32.25 27.21 -7.26
C SER B 85 32.53 28.45 -8.09
N GLU B 86 33.29 29.37 -7.50
CA GLU B 86 33.67 30.64 -8.13
C GLU B 86 33.96 30.51 -9.62
N ARG B 87 34.38 29.31 -10.04
CA ARG B 87 34.66 29.04 -11.44
C ARG B 87 33.46 28.34 -12.07
N GLY B 88 32.97 28.90 -13.17
CA GLY B 88 31.82 28.33 -13.85
C GLY B 88 32.10 27.02 -14.58
N ASN B 89 32.17 25.93 -13.81
CA ASN B 89 32.42 24.60 -14.39
C ASN B 89 31.09 23.90 -14.62
N VAL B 90 30.02 24.68 -14.65
CA VAL B 90 28.67 24.16 -14.84
C VAL B 90 28.52 23.32 -16.11
N ASN B 91 29.05 23.83 -17.22
CA ASN B 91 28.98 23.16 -18.51
C ASN B 91 29.27 21.66 -18.36
N HIS B 92 30.40 21.36 -17.74
CA HIS B 92 30.81 19.98 -17.54
C HIS B 92 29.79 19.22 -16.71
N TRP B 93 29.31 19.88 -15.66
CA TRP B 93 28.32 19.29 -14.78
C TRP B 93 27.00 19.04 -15.51
N LEU B 94 26.50 20.03 -16.24
CA LEU B 94 25.24 19.88 -16.96
C LEU B 94 25.30 18.71 -17.95
N LEU B 95 26.42 18.56 -18.66
CA LEU B 95 26.58 17.47 -19.61
C LEU B 95 26.50 16.12 -18.92
N ASN B 96 26.68 16.11 -17.59
CA ASN B 96 26.63 14.86 -16.84
C ASN B 96 25.40 14.71 -15.94
N GLY B 97 24.33 15.45 -16.27
CA GLY B 97 23.09 15.36 -15.54
C GLY B 97 22.86 16.33 -14.39
N GLY B 98 23.57 17.45 -14.38
CA GLY B 98 23.39 18.41 -13.31
C GLY B 98 22.21 19.36 -13.48
N GLY B 99 21.48 19.19 -14.58
CA GLY B 99 20.34 20.05 -14.85
C GLY B 99 19.29 20.16 -13.75
N TRP B 100 19.12 19.11 -12.96
CA TRP B 100 18.14 19.13 -11.89
C TRP B 100 18.29 20.34 -10.97
N PHE B 101 19.53 20.77 -10.75
CA PHE B 101 19.77 21.91 -9.88
C PHE B 101 19.09 23.18 -10.38
N PHE B 102 19.21 23.44 -11.67
CA PHE B 102 18.62 24.63 -12.27
C PHE B 102 17.12 24.53 -12.56
N ASN B 103 16.47 23.51 -12.01
CA ASN B 103 15.04 23.33 -12.19
C ASN B 103 14.36 23.25 -10.81
N LEU B 104 15.06 23.71 -9.79
CA LEU B 104 14.52 23.71 -8.42
C LEU B 104 13.99 25.12 -8.11
N ASP B 105 13.03 25.20 -7.20
CA ASP B 105 12.47 26.51 -6.81
C ASP B 105 13.52 27.25 -5.97
N TYR B 106 13.15 28.44 -5.48
CA TYR B 106 14.03 29.26 -4.66
C TYR B 106 14.55 28.53 -3.42
N ASP B 107 13.63 28.04 -2.59
CA ASP B 107 13.98 27.33 -1.37
C ASP B 107 15.00 26.21 -1.61
N LYS B 108 14.57 25.16 -2.30
CA LYS B 108 15.42 24.01 -2.57
C LYS B 108 16.77 24.37 -3.18
N GLU B 109 16.83 25.39 -4.02
CA GLU B 109 18.10 25.77 -4.62
C GLU B 109 19.08 26.25 -3.55
N ILE B 110 18.54 26.95 -2.56
CA ILE B 110 19.37 27.46 -1.46
C ILE B 110 19.79 26.30 -0.58
N LEU B 111 18.88 25.35 -0.38
CA LEU B 111 19.21 24.17 0.43
C LEU B 111 20.27 23.31 -0.26
N ALA B 112 20.11 23.12 -1.57
CA ALA B 112 21.04 22.31 -2.36
C ALA B 112 22.43 22.92 -2.39
N LYS B 113 22.50 24.24 -2.51
CA LYS B 113 23.78 24.91 -2.55
C LYS B 113 24.45 24.77 -1.17
N ALA B 114 23.65 24.73 -0.12
CA ALA B 114 24.17 24.58 1.23
C ALA B 114 24.67 23.15 1.41
N LEU B 115 23.93 22.19 0.88
CA LEU B 115 24.33 20.79 0.98
C LEU B 115 25.61 20.52 0.18
N ALA B 116 25.75 21.20 -0.96
CA ALA B 116 26.93 21.03 -1.80
C ALA B 116 28.16 21.44 -0.99
N HIS B 117 28.03 22.52 -0.24
CA HIS B 117 29.13 23.02 0.57
C HIS B 117 29.53 21.89 1.52
N LYS B 118 28.55 21.29 2.17
CA LYS B 118 28.82 20.20 3.08
C LYS B 118 29.38 18.98 2.37
N ALA B 119 28.97 18.79 1.11
CA ALA B 119 29.45 17.67 0.33
C ALA B 119 30.96 17.77 0.14
N ASP B 120 31.45 19.01 0.07
CA ASP B 120 32.88 19.26 -0.12
C ASP B 120 33.72 18.96 1.12
N GLU B 121 33.07 18.44 2.16
CA GLU B 121 33.75 18.07 3.39
C GLU B 121 33.91 16.55 3.44
N LEU B 122 33.37 15.86 2.43
CA LEU B 122 33.43 14.40 2.37
C LEU B 122 34.80 13.84 2.00
N PRO B 123 35.14 12.69 2.59
CA PRO B 123 36.43 12.05 2.30
C PRO B 123 36.37 11.38 0.92
N LEU B 124 37.53 10.97 0.43
CA LEU B 124 37.62 10.29 -0.86
C LEU B 124 37.67 8.80 -0.57
N ILE B 125 38.17 8.46 0.60
CA ILE B 125 38.34 7.07 0.98
C ILE B 125 37.91 6.81 2.42
N ILE B 126 37.21 5.71 2.62
CA ILE B 126 36.78 5.33 3.96
C ILE B 126 37.34 3.96 4.29
N GLU B 127 37.97 3.86 5.45
CA GLU B 127 38.53 2.60 5.92
C GLU B 127 37.65 2.15 7.08
N LEU B 128 37.10 0.95 6.96
CA LEU B 128 36.22 0.42 7.99
C LEU B 128 36.79 -0.86 8.58
N VAL B 129 36.98 -0.86 9.89
CA VAL B 129 37.48 -2.03 10.58
C VAL B 129 36.28 -2.73 11.23
N SER B 130 36.14 -4.02 10.96
CA SER B 130 35.04 -4.79 11.52
C SER B 130 35.45 -6.22 11.83
N LYS B 131 35.41 -6.60 13.11
CA LYS B 131 35.76 -7.95 13.52
C LYS B 131 37.11 -8.40 12.96
N ASP B 132 38.13 -7.57 13.15
CA ASP B 132 39.47 -7.89 12.67
C ASP B 132 39.51 -8.03 11.15
N LYS B 133 38.66 -7.25 10.46
CA LYS B 133 38.61 -7.24 9.01
C LYS B 133 38.65 -5.77 8.62
N LYS B 134 39.37 -5.44 7.57
CA LYS B 134 39.47 -4.07 7.12
C LYS B 134 38.92 -3.87 5.71
N TYR B 135 37.89 -3.01 5.60
CA TYR B 135 37.24 -2.71 4.34
C TYR B 135 37.59 -1.29 3.91
N VAL B 136 37.91 -1.12 2.63
CA VAL B 136 38.22 0.19 2.09
C VAL B 136 37.18 0.53 1.02
N ILE B 137 36.53 1.68 1.16
CA ILE B 137 35.51 2.11 0.22
C ILE B 137 35.93 3.37 -0.54
N CYS B 138 35.87 3.31 -1.86
CA CYS B 138 36.20 4.46 -2.72
C CYS B 138 35.11 4.52 -3.77
N HIS B 139 34.99 5.66 -4.44
CA HIS B 139 33.96 5.74 -5.47
C HIS B 139 34.25 4.88 -6.69
N ALA B 140 35.43 5.05 -7.28
CA ALA B 140 35.78 4.30 -8.47
C ALA B 140 36.92 3.30 -8.31
N ASP B 141 37.96 3.69 -7.57
CA ASP B 141 39.12 2.80 -7.43
C ASP B 141 40.12 3.31 -6.39
N TYR B 142 41.04 2.45 -6.02
CA TYR B 142 42.15 2.81 -5.12
C TYR B 142 43.32 2.44 -6.04
N PRO B 143 43.86 3.44 -6.76
CA PRO B 143 44.97 3.32 -7.72
C PRO B 143 46.38 2.96 -7.30
N PHE B 144 46.53 1.93 -6.48
CA PHE B 144 47.84 1.46 -6.03
C PHE B 144 47.75 -0.05 -5.80
N ASP B 145 48.89 -0.74 -5.84
CA ASP B 145 48.91 -2.18 -5.61
C ASP B 145 48.84 -2.44 -4.12
N GLU B 146 49.16 -1.42 -3.34
CA GLU B 146 49.12 -1.56 -1.90
C GLU B 146 48.42 -0.38 -1.24
N TYR B 147 47.53 -0.70 -0.30
CA TYR B 147 46.78 0.31 0.43
C TYR B 147 47.48 0.66 1.74
N GLU B 148 47.52 1.93 2.05
CA GLU B 148 48.11 2.40 3.29
C GLU B 148 47.31 3.63 3.69
N PHE B 149 46.71 3.59 4.86
CA PHE B 149 45.91 4.71 5.33
C PHE B 149 46.67 6.04 5.20
N GLY B 150 46.06 7.01 4.54
CA GLY B 150 46.69 8.31 4.39
C GLY B 150 47.72 8.45 3.29
N LYS B 151 48.03 7.37 2.59
CA LYS B 151 49.00 7.40 1.50
C LYS B 151 48.50 8.39 0.44
N PRO B 152 49.35 9.34 0.03
CA PRO B 152 48.88 10.29 -0.99
C PRO B 152 48.47 9.58 -2.27
N VAL B 153 47.31 9.95 -2.79
CA VAL B 153 46.78 9.33 -4.00
C VAL B 153 46.31 10.38 -5.00
N ASP B 154 46.15 9.94 -6.24
CA ASP B 154 45.66 10.80 -7.32
C ASP B 154 44.15 10.88 -7.09
N HIS B 155 43.67 12.04 -6.65
CA HIS B 155 42.24 12.24 -6.38
C HIS B 155 41.36 11.95 -7.59
N GLN B 156 41.82 12.37 -8.77
CA GLN B 156 41.11 12.16 -10.02
C GLN B 156 40.87 10.68 -10.30
N GLN B 157 41.89 9.86 -10.02
CA GLN B 157 41.80 8.43 -10.26
C GLN B 157 40.93 7.71 -9.25
N VAL B 158 40.86 8.24 -8.04
CA VAL B 158 40.04 7.61 -7.01
C VAL B 158 38.55 7.69 -7.37
N ILE B 159 38.15 8.79 -8.01
CA ILE B 159 36.75 8.97 -8.37
C ILE B 159 36.39 8.84 -9.85
N TRP B 160 37.37 8.64 -10.72
CA TRP B 160 37.10 8.50 -12.15
C TRP B 160 37.60 7.22 -12.84
N ASN B 161 38.70 6.66 -12.34
CA ASN B 161 39.31 5.49 -12.97
C ASN B 161 38.45 4.26 -13.22
N ARG B 162 38.51 3.76 -14.45
CA ARG B 162 37.77 2.56 -14.84
C ARG B 162 38.74 1.51 -15.34
N GLU B 163 40.02 1.83 -15.30
CA GLU B 163 41.04 0.91 -15.81
C GLU B 163 41.15 -0.42 -15.07
N ARG B 164 41.11 -0.40 -13.73
CA ARG B 164 41.24 -1.65 -12.99
C ARG B 164 40.06 -2.57 -13.28
N ILE B 165 38.84 -2.05 -13.22
CA ILE B 165 37.67 -2.88 -13.51
C ILE B 165 37.69 -3.39 -14.96
N SER B 166 38.12 -2.55 -15.90
CA SER B 166 38.22 -2.99 -17.29
C SER B 166 39.22 -4.13 -17.41
N ASN B 167 40.38 -3.95 -16.79
CA ASN B 167 41.40 -4.98 -16.83
C ASN B 167 40.91 -6.29 -16.25
N SER B 168 40.24 -6.20 -15.09
CA SER B 168 39.74 -7.37 -14.40
C SER B 168 38.75 -8.15 -15.28
N GLN B 169 37.88 -7.43 -15.97
CA GLN B 169 36.90 -8.06 -16.84
C GLN B 169 37.57 -8.69 -18.06
N ASN B 170 38.72 -8.16 -18.43
CA ASN B 170 39.47 -8.71 -19.56
C ASN B 170 40.25 -9.95 -19.14
N GLY B 171 40.26 -10.24 -17.84
CA GLY B 171 40.98 -11.41 -17.34
C GLY B 171 42.25 -11.13 -16.56
N ILE B 172 42.59 -9.86 -16.42
CA ILE B 172 43.78 -9.46 -15.68
C ILE B 172 43.33 -9.08 -14.28
N VAL B 173 43.48 -10.05 -13.38
CA VAL B 173 43.06 -9.94 -12.00
C VAL B 173 44.23 -9.91 -11.04
N LYS B 174 44.18 -9.00 -10.09
CA LYS B 174 45.23 -8.85 -9.10
C LYS B 174 44.67 -8.26 -7.82
N GLU B 175 45.15 -8.76 -6.70
CA GLU B 175 44.71 -8.31 -5.40
C GLU B 175 45.33 -6.96 -5.05
N ILE B 176 44.73 -6.25 -4.10
CA ILE B 176 45.29 -5.00 -3.63
C ILE B 176 45.67 -5.34 -2.19
N LYS B 177 46.93 -5.13 -1.83
CA LYS B 177 47.38 -5.46 -0.49
C LYS B 177 47.11 -4.34 0.49
N GLY B 178 47.05 -4.69 1.78
CA GLY B 178 46.83 -3.68 2.80
C GLY B 178 45.46 -3.67 3.44
N ALA B 179 44.48 -4.29 2.80
CA ALA B 179 43.12 -4.35 3.34
C ALA B 179 42.49 -5.67 2.88
N ASP B 180 41.47 -6.13 3.59
CA ASP B 180 40.80 -7.37 3.22
C ASP B 180 39.87 -7.23 2.01
N THR B 181 39.07 -6.19 1.97
CA THR B 181 38.13 -6.00 0.87
C THR B 181 37.99 -4.55 0.46
N PHE B 182 37.94 -4.32 -0.84
CA PHE B 182 37.76 -2.97 -1.37
C PHE B 182 36.39 -2.99 -2.06
N ILE B 183 35.62 -1.93 -1.84
CA ILE B 183 34.29 -1.81 -2.40
C ILE B 183 34.16 -0.50 -3.18
N PHE B 184 33.79 -0.62 -4.45
CA PHE B 184 33.64 0.54 -5.32
C PHE B 184 32.28 0.55 -6.01
N GLY B 185 31.92 1.71 -6.53
CA GLY B 185 30.69 1.89 -7.29
C GLY B 185 31.16 2.39 -8.65
N HIS B 186 30.63 3.54 -9.08
CA HIS B 186 31.02 4.19 -10.34
C HIS B 186 30.78 3.49 -11.68
N THR B 187 31.18 2.23 -11.79
CA THR B 187 31.02 1.49 -13.04
C THR B 187 29.86 0.50 -12.95
N PRO B 188 28.76 0.78 -13.65
CA PRO B 188 27.58 -0.08 -13.65
C PRO B 188 27.80 -1.49 -14.19
N ALA B 189 27.11 -2.44 -13.56
CA ALA B 189 27.18 -3.84 -13.96
C ALA B 189 25.80 -4.45 -13.72
N VAL B 190 25.45 -5.46 -14.50
CA VAL B 190 24.15 -6.09 -14.36
C VAL B 190 23.96 -6.58 -12.94
N LYS B 191 24.99 -7.24 -12.40
CA LYS B 191 24.96 -7.74 -11.03
C LYS B 191 26.26 -7.36 -10.36
N PRO B 192 26.32 -7.41 -9.02
CA PRO B 192 27.55 -7.07 -8.31
C PRO B 192 28.67 -7.99 -8.76
N LEU B 193 29.86 -7.43 -8.96
CA LEU B 193 31.00 -8.23 -9.40
C LEU B 193 32.10 -8.25 -8.36
N LYS B 194 32.92 -9.30 -8.39
CA LYS B 194 34.03 -9.42 -7.47
C LYS B 194 35.24 -9.99 -8.21
N PHE B 195 36.38 -9.31 -8.08
CA PHE B 195 37.62 -9.76 -8.71
C PHE B 195 38.68 -9.67 -7.61
N ALA B 196 39.31 -10.80 -7.30
CA ALA B 196 40.32 -10.83 -6.23
C ALA B 196 39.62 -10.28 -4.98
N ASN B 197 40.18 -9.24 -4.36
CA ASN B 197 39.53 -8.67 -3.18
C ASN B 197 38.83 -7.34 -3.47
N GLN B 198 38.38 -7.15 -4.71
CA GLN B 198 37.66 -5.94 -5.09
C GLN B 198 36.22 -6.31 -5.43
N MET B 199 35.29 -5.52 -4.92
CA MET B 199 33.87 -5.75 -5.16
C MET B 199 33.25 -4.49 -5.79
N TYR B 200 32.47 -4.66 -6.85
CA TYR B 200 31.83 -3.53 -7.52
C TYR B 200 30.34 -3.64 -7.33
N ILE B 201 29.74 -2.63 -6.71
CA ILE B 201 28.32 -2.68 -6.41
C ILE B 201 27.39 -1.68 -7.09
N ASP B 202 27.85 -1.01 -8.14
CA ASP B 202 26.99 -0.09 -8.85
C ASP B 202 26.19 -0.89 -9.89
N THR B 203 24.93 -1.18 -9.57
CA THR B 203 24.09 -1.95 -10.50
C THR B 203 23.14 -1.09 -11.33
N GLY B 204 23.48 0.20 -11.46
CA GLY B 204 22.69 1.12 -12.27
C GLY B 204 21.27 1.39 -11.80
N ALA B 205 21.11 1.72 -10.52
CA ALA B 205 19.79 2.00 -9.96
C ALA B 205 19.03 3.08 -10.74
N VAL B 206 19.70 4.17 -11.07
CA VAL B 206 19.06 5.25 -11.79
C VAL B 206 18.63 4.83 -13.19
N PHE B 207 19.30 3.81 -13.72
CA PHE B 207 19.01 3.33 -15.05
C PHE B 207 17.85 2.34 -15.12
N CYS B 208 17.88 1.32 -14.26
CA CYS B 208 16.84 0.29 -14.27
C CYS B 208 16.17 0.03 -12.92
N GLY B 209 16.54 0.80 -11.90
CA GLY B 209 15.94 0.61 -10.59
C GLY B 209 16.58 -0.42 -9.67
N ASN B 210 17.64 -1.07 -10.12
CA ASN B 210 18.31 -2.09 -9.31
C ASN B 210 19.40 -1.47 -8.43
N LEU B 211 19.07 -1.25 -7.16
CA LEU B 211 20.00 -0.66 -6.20
C LEU B 211 20.60 -1.73 -5.31
N THR B 212 21.92 -1.76 -5.22
CA THR B 212 22.59 -2.76 -4.40
C THR B 212 23.03 -2.26 -3.04
N LEU B 213 22.76 -3.09 -2.02
CA LEU B 213 23.19 -2.83 -0.65
C LEU B 213 23.77 -4.15 -0.16
N ILE B 214 25.02 -4.12 0.28
CA ILE B 214 25.68 -5.32 0.78
C ILE B 214 25.95 -5.10 2.26
N GLN B 215 25.73 -6.15 3.06
CA GLN B 215 25.98 -6.06 4.49
C GLN B 215 27.40 -6.52 4.79
N VAL B 216 28.19 -5.67 5.42
CA VAL B 216 29.57 -6.03 5.76
C VAL B 216 29.76 -6.33 7.24
N GLN B 217 28.71 -6.07 8.03
CA GLN B 217 28.75 -6.35 9.47
C GLN B 217 27.38 -6.61 10.05
N GLY B 218 27.29 -7.65 10.88
CA GLY B 218 26.04 -7.99 11.52
C GLY B 218 25.53 -9.36 11.09
N ALA B 219 24.52 -9.86 11.79
CA ALA B 219 23.95 -11.15 11.45
C ALA B 219 23.22 -10.99 10.13
N GLY B 220 23.41 -11.95 9.24
CA GLY B 220 22.76 -11.91 7.94
C GLY B 220 21.81 -13.08 7.78
N ALA B 221 22.09 -13.95 6.81
CA ALA B 221 21.26 -15.12 6.54
C ALA B 221 19.80 -14.76 6.34
N MET C 1 -12.43 7.75 -10.49
CA MET C 1 -13.76 8.24 -10.95
C MET C 1 -13.72 9.73 -11.28
N ARG C 2 -14.78 10.22 -11.92
CA ARG C 2 -14.86 11.63 -12.29
C ARG C 2 -16.11 12.22 -11.63
N TYR C 3 -16.04 13.51 -11.29
CA TYR C 3 -17.16 14.18 -10.63
C TYR C 3 -18.38 14.37 -11.52
N TYR C 4 -18.15 14.67 -12.79
CA TYR C 4 -19.24 14.85 -13.75
C TYR C 4 -19.29 13.63 -14.63
N GLU C 5 -20.49 13.25 -15.06
CA GLU C 5 -20.65 12.09 -15.90
C GLU C 5 -21.78 12.33 -16.91
N LYS C 6 -21.49 12.10 -18.18
CA LYS C 6 -22.46 12.30 -19.25
C LYS C 6 -23.15 11.02 -19.67
N ILE C 7 -24.44 11.12 -19.95
CA ILE C 7 -25.21 9.98 -20.41
C ILE C 7 -25.97 10.39 -21.67
N ASP C 8 -25.79 9.60 -22.73
CA ASP C 8 -26.43 9.88 -24.00
C ASP C 8 -27.77 9.12 -24.04
N GLY C 9 -28.84 9.88 -23.88
CA GLY C 9 -30.17 9.28 -23.88
C GLY C 9 -30.56 8.52 -25.12
N SER C 10 -29.91 8.82 -26.25
CA SER C 10 -30.23 8.14 -27.51
C SER C 10 -29.95 6.65 -27.41
N LYS C 11 -29.21 6.25 -26.39
CA LYS C 11 -28.88 4.84 -26.21
C LYS C 11 -29.98 4.07 -25.49
N TYR C 12 -31.03 4.76 -25.06
CA TYR C 12 -32.13 4.09 -24.36
C TYR C 12 -33.50 4.47 -24.87
N ARG C 13 -34.49 3.66 -24.52
CA ARG C 13 -35.87 3.91 -24.92
C ARG C 13 -36.47 4.92 -23.94
N ASN C 14 -36.83 4.45 -22.75
CA ASN C 14 -37.38 5.33 -21.72
C ASN C 14 -36.37 5.58 -20.61
N ILE C 15 -36.34 6.82 -20.13
CA ILE C 15 -35.44 7.19 -19.06
C ILE C 15 -36.24 7.78 -17.91
N TRP C 16 -36.02 7.25 -16.71
CA TRP C 16 -36.70 7.73 -15.50
C TRP C 16 -35.67 8.15 -14.47
N VAL C 17 -36.05 9.08 -13.60
CA VAL C 17 -35.21 9.55 -12.51
C VAL C 17 -36.00 9.33 -11.23
N VAL C 18 -35.36 8.72 -10.22
CA VAL C 18 -36.01 8.43 -8.94
C VAL C 18 -35.37 9.19 -7.77
N GLY C 19 -36.18 9.60 -6.80
CA GLY C 19 -35.67 10.31 -5.64
C GLY C 19 -35.04 9.37 -4.61
N ASP C 20 -34.65 9.93 -3.46
CA ASP C 20 -34.00 9.18 -2.38
C ASP C 20 -34.69 7.84 -2.11
N LEU C 21 -33.94 6.76 -2.22
CA LEU C 21 -34.49 5.42 -1.99
C LEU C 21 -34.47 4.97 -0.54
N HIS C 22 -33.38 5.27 0.17
CA HIS C 22 -33.21 4.90 1.57
C HIS C 22 -33.72 3.51 1.91
N GLY C 23 -33.19 2.51 1.21
CA GLY C 23 -33.57 1.13 1.45
C GLY C 23 -34.98 0.69 1.11
N CYS C 24 -35.73 1.51 0.38
CA CYS C 24 -37.09 1.13 0.01
C CYS C 24 -37.07 0.39 -1.33
N TYR C 25 -36.37 -0.75 -1.33
CA TYR C 25 -36.21 -1.60 -2.52
C TYR C 25 -37.51 -2.19 -3.07
N THR C 26 -38.29 -2.83 -2.21
CA THR C 26 -39.56 -3.45 -2.62
C THR C 26 -40.49 -2.42 -3.27
N ASN C 27 -40.54 -1.22 -2.69
CA ASN C 27 -41.35 -0.12 -3.21
C ASN C 27 -40.90 0.18 -4.63
N LEU C 28 -39.57 0.26 -4.81
CA LEU C 28 -38.97 0.55 -6.11
C LEU C 28 -39.34 -0.53 -7.12
N MET C 29 -39.10 -1.79 -6.77
CA MET C 29 -39.39 -2.89 -7.69
C MET C 29 -40.86 -2.89 -8.15
N ASN C 30 -41.78 -2.60 -7.24
CA ASN C 30 -43.19 -2.57 -7.60
C ASN C 30 -43.47 -1.43 -8.57
N LYS C 31 -42.85 -0.27 -8.30
CA LYS C 31 -43.02 0.89 -9.15
C LYS C 31 -42.54 0.58 -10.58
N LEU C 32 -41.35 0.02 -10.68
CA LEU C 32 -40.78 -0.32 -11.98
C LEU C 32 -41.68 -1.32 -12.66
N ASP C 33 -42.23 -2.23 -11.88
CA ASP C 33 -43.13 -3.24 -12.39
C ASP C 33 -44.36 -2.54 -12.98
N THR C 34 -44.97 -1.65 -12.20
CA THR C 34 -46.15 -0.91 -12.62
C THR C 34 -45.94 -0.03 -13.84
N ILE C 35 -44.85 0.72 -13.88
CA ILE C 35 -44.60 1.62 -15.01
C ILE C 35 -44.14 0.89 -16.26
N GLY C 36 -44.03 -0.44 -16.19
CA GLY C 36 -43.58 -1.21 -17.33
C GLY C 36 -42.14 -0.96 -17.71
N PHE C 37 -41.28 -0.83 -16.71
CA PHE C 37 -39.87 -0.57 -16.96
C PHE C 37 -39.20 -1.83 -17.51
N ASP C 38 -38.37 -1.65 -18.54
CA ASP C 38 -37.66 -2.77 -19.15
C ASP C 38 -36.16 -2.53 -19.00
N ASN C 39 -35.53 -3.29 -18.12
CA ASN C 39 -34.09 -3.11 -17.85
C ASN C 39 -33.17 -3.46 -19.01
N LYS C 40 -33.74 -3.93 -20.11
CA LYS C 40 -32.95 -4.28 -21.29
C LYS C 40 -33.03 -3.14 -22.31
N LYS C 41 -33.96 -2.21 -22.09
CA LYS C 41 -34.13 -1.09 -23.01
C LYS C 41 -34.11 0.26 -22.31
N ASP C 42 -34.57 0.30 -21.06
CA ASP C 42 -34.66 1.57 -20.34
C ASP C 42 -33.53 1.88 -19.35
N LEU C 43 -33.50 3.13 -18.90
CA LEU C 43 -32.48 3.61 -17.97
C LEU C 43 -33.10 4.28 -16.75
N LEU C 44 -32.66 3.88 -15.57
CA LEU C 44 -33.17 4.47 -14.33
C LEU C 44 -32.03 5.30 -13.73
N ILE C 45 -32.25 6.61 -13.59
CA ILE C 45 -31.23 7.48 -12.99
C ILE C 45 -31.64 7.78 -11.54
N SER C 46 -30.69 7.74 -10.63
CA SER C 46 -30.95 7.97 -9.21
C SER C 46 -30.22 9.17 -8.62
N VAL C 47 -30.91 9.91 -7.75
CA VAL C 47 -30.34 11.08 -7.09
C VAL C 47 -29.49 10.70 -5.87
N GLY C 48 -29.27 9.40 -5.66
CA GLY C 48 -28.47 9.00 -4.51
C GLY C 48 -29.25 8.68 -3.25
N ASP C 49 -28.54 8.61 -2.12
CA ASP C 49 -29.13 8.26 -0.82
C ASP C 49 -29.91 6.97 -0.97
N LEU C 50 -29.18 5.94 -1.37
CA LEU C 50 -29.71 4.60 -1.57
C LEU C 50 -29.78 3.85 -0.25
N VAL C 51 -28.94 4.26 0.70
CA VAL C 51 -28.88 3.59 1.98
C VAL C 51 -29.20 4.45 3.19
N ASP C 52 -29.37 3.79 4.34
CA ASP C 52 -29.70 4.40 5.62
C ASP C 52 -31.20 4.70 5.73
N ARG C 53 -31.67 4.84 6.97
CA ARG C 53 -33.07 5.16 7.27
C ARG C 53 -34.07 4.04 6.99
N GLY C 54 -33.82 3.25 5.96
CA GLY C 54 -34.75 2.18 5.59
C GLY C 54 -34.39 0.76 5.96
N ALA C 55 -35.13 -0.19 5.39
CA ALA C 55 -34.95 -1.61 5.69
C ALA C 55 -34.09 -2.45 4.74
N GLU C 56 -34.23 -2.24 3.43
CA GLU C 56 -33.47 -3.01 2.44
C GLU C 56 -32.28 -2.23 1.88
N ASN C 57 -31.32 -1.94 2.75
CA ASN C 57 -30.14 -1.16 2.37
C ASN C 57 -29.19 -1.82 1.39
N VAL C 58 -28.82 -3.07 1.64
CA VAL C 58 -27.89 -3.73 0.75
C VAL C 58 -28.52 -3.92 -0.64
N GLU C 59 -29.81 -4.25 -0.67
CA GLU C 59 -30.50 -4.45 -1.94
C GLU C 59 -30.48 -3.18 -2.80
N CYS C 60 -30.73 -2.04 -2.18
CA CYS C 60 -30.73 -0.79 -2.92
C CYS C 60 -29.33 -0.42 -3.39
N LEU C 61 -28.35 -0.57 -2.51
CA LEU C 61 -26.98 -0.21 -2.86
C LEU C 61 -26.46 -1.06 -4.00
N GLU C 62 -26.92 -2.31 -4.04
CA GLU C 62 -26.49 -3.25 -5.07
C GLU C 62 -26.91 -2.82 -6.48
N LEU C 63 -27.91 -1.96 -6.56
CA LEU C 63 -28.40 -1.48 -7.86
C LEU C 63 -27.32 -0.80 -8.70
N ILE C 64 -26.34 -0.17 -8.05
CA ILE C 64 -25.29 0.52 -8.80
C ILE C 64 -24.42 -0.46 -9.56
N THR C 65 -24.72 -1.74 -9.40
CA THR C 65 -23.97 -2.79 -10.06
C THR C 65 -24.59 -3.17 -11.42
N PHE C 66 -25.77 -2.62 -11.69
CA PHE C 66 -26.47 -2.92 -12.94
C PHE C 66 -26.34 -1.82 -13.98
N PRO C 67 -26.21 -2.21 -15.26
CA PRO C 67 -26.06 -1.28 -16.38
C PRO C 67 -27.23 -0.31 -16.52
N TRP C 68 -28.44 -0.80 -16.26
CA TRP C 68 -29.65 0.01 -16.37
C TRP C 68 -29.91 0.99 -15.22
N PHE C 69 -29.02 1.00 -14.24
CA PHE C 69 -29.17 1.89 -13.08
C PHE C 69 -27.95 2.80 -12.96
N ARG C 70 -28.18 4.11 -13.02
CA ARG C 70 -27.09 5.06 -12.92
C ARG C 70 -27.39 6.06 -11.82
N ALA C 71 -26.63 5.98 -10.74
CA ALA C 71 -26.83 6.86 -9.62
C ALA C 71 -25.74 7.88 -9.46
N VAL C 72 -26.12 8.95 -8.78
CA VAL C 72 -25.20 10.01 -8.46
C VAL C 72 -25.00 9.74 -6.97
N ARG C 73 -23.84 10.11 -6.45
CA ARG C 73 -23.48 9.93 -5.06
C ARG C 73 -24.31 10.84 -4.12
N GLY C 74 -24.83 10.26 -3.04
CA GLY C 74 -25.59 11.06 -2.07
C GLY C 74 -24.75 11.26 -0.81
N ASN C 75 -25.21 12.10 0.11
CA ASN C 75 -24.44 12.33 1.34
C ASN C 75 -24.41 11.08 2.21
N HIS C 76 -25.44 10.25 2.13
CA HIS C 76 -25.43 9.03 2.92
C HIS C 76 -24.44 8.02 2.35
N GLU C 77 -24.26 8.01 1.03
CA GLU C 77 -23.27 7.12 0.43
C GLU C 77 -21.90 7.62 0.91
N GLN C 78 -21.72 8.94 0.92
CA GLN C 78 -20.47 9.52 1.34
C GLN C 78 -20.15 9.19 2.81
N MET C 79 -21.16 9.26 3.68
CA MET C 79 -20.94 8.94 5.09
C MET C 79 -20.59 7.48 5.26
N MET C 80 -21.22 6.62 4.46
CA MET C 80 -20.93 5.19 4.53
C MET C 80 -19.48 4.96 4.07
N ILE C 81 -19.11 5.57 2.95
CA ILE C 81 -17.77 5.43 2.41
C ILE C 81 -16.73 5.89 3.44
N ASP C 82 -16.93 7.09 3.99
CA ASP C 82 -16.00 7.62 4.98
C ASP C 82 -16.01 6.80 6.28
N GLY C 83 -17.19 6.34 6.68
CA GLY C 83 -17.33 5.58 7.90
C GLY C 83 -16.65 4.22 7.87
N LEU C 84 -16.54 3.63 6.68
CA LEU C 84 -15.90 2.33 6.56
C LEU C 84 -14.44 2.46 6.12
N SER C 85 -13.99 3.70 5.93
CA SER C 85 -12.63 3.94 5.48
C SER C 85 -11.60 3.81 6.60
N GLU C 86 -10.35 3.63 6.18
CA GLU C 86 -9.23 3.48 7.10
C GLU C 86 -9.05 4.68 8.02
N ARG C 87 -9.24 5.89 7.50
CA ARG C 87 -9.07 7.07 8.34
C ARG C 87 -10.38 7.69 8.78
N GLY C 88 -11.46 6.95 8.62
CA GLY C 88 -12.76 7.48 9.03
C GLY C 88 -13.11 7.11 10.45
N ASN C 89 -14.40 7.21 10.76
CA ASN C 89 -14.91 6.88 12.07
C ASN C 89 -16.36 6.45 11.86
N VAL C 90 -16.60 5.16 12.01
CA VAL C 90 -17.92 4.59 11.80
C VAL C 90 -19.01 5.23 12.66
N ASN C 91 -18.63 5.88 13.76
CA ASN C 91 -19.59 6.52 14.65
C ASN C 91 -20.33 7.70 13.99
N HIS C 92 -19.64 8.40 13.10
CA HIS C 92 -20.23 9.55 12.39
C HIS C 92 -21.41 9.08 11.54
N TRP C 93 -21.24 7.92 10.92
CA TRP C 93 -22.25 7.33 10.07
C TRP C 93 -23.39 6.76 10.91
N LEU C 94 -23.04 6.17 12.05
CA LEU C 94 -24.04 5.58 12.96
C LEU C 94 -25.08 6.60 13.40
N LEU C 95 -24.62 7.81 13.70
CA LEU C 95 -25.50 8.88 14.14
C LEU C 95 -26.40 9.37 13.02
N ASN C 96 -26.12 8.96 11.79
CA ASN C 96 -26.93 9.38 10.65
C ASN C 96 -27.68 8.23 9.99
N GLY C 97 -27.90 7.16 10.72
CA GLY C 97 -28.65 6.05 10.16
C GLY C 97 -27.87 4.88 9.60
N GLY C 98 -26.55 4.83 9.82
CA GLY C 98 -25.77 3.71 9.32
C GLY C 98 -25.94 2.45 10.16
N GLY C 99 -26.73 2.56 11.23
CA GLY C 99 -26.97 1.45 12.14
C GLY C 99 -27.19 0.08 11.53
N TRP C 100 -27.89 0.02 10.39
CA TRP C 100 -28.18 -1.26 9.75
C TRP C 100 -26.91 -2.08 9.46
N PHE C 101 -25.79 -1.40 9.24
CA PHE C 101 -24.53 -2.08 8.94
C PHE C 101 -24.12 -3.05 10.05
N PHE C 102 -24.46 -2.72 11.29
CA PHE C 102 -24.11 -3.56 12.44
C PHE C 102 -25.08 -4.70 12.73
N ASN C 103 -25.93 -5.03 11.75
CA ASN C 103 -26.89 -6.13 11.92
C ASN C 103 -26.71 -7.11 10.79
N LEU C 104 -25.64 -6.94 10.02
CA LEU C 104 -25.37 -7.81 8.88
C LEU C 104 -24.55 -9.06 9.22
N ASP C 105 -24.95 -10.19 8.66
CA ASP C 105 -24.21 -11.42 8.90
C ASP C 105 -22.85 -11.25 8.18
N TYR C 106 -21.94 -12.18 8.39
CA TYR C 106 -20.59 -12.10 7.80
C TYR C 106 -20.54 -11.83 6.30
N ASP C 107 -21.34 -12.56 5.52
CA ASP C 107 -21.33 -12.38 4.07
C ASP C 107 -21.92 -11.04 3.63
N LYS C 108 -23.00 -10.60 4.28
CA LYS C 108 -23.61 -9.34 3.90
C LYS C 108 -22.70 -8.18 4.28
N GLU C 109 -21.89 -8.36 5.31
CA GLU C 109 -20.94 -7.33 5.73
C GLU C 109 -19.91 -7.22 4.62
N ILE C 110 -19.40 -8.36 4.16
CA ILE C 110 -18.40 -8.39 3.10
C ILE C 110 -18.99 -7.74 1.85
N LEU C 111 -20.24 -8.08 1.54
CA LEU C 111 -20.91 -7.52 0.37
C LEU C 111 -21.07 -6.01 0.49
N ALA C 112 -21.55 -5.54 1.64
CA ALA C 112 -21.74 -4.11 1.86
C ALA C 112 -20.44 -3.34 1.72
N LYS C 113 -19.34 -3.89 2.24
CA LYS C 113 -18.05 -3.23 2.15
C LYS C 113 -17.61 -3.16 0.70
N ALA C 114 -17.85 -4.23 -0.04
CA ALA C 114 -17.50 -4.27 -1.45
C ALA C 114 -18.31 -3.21 -2.21
N LEU C 115 -19.60 -3.16 -1.92
CA LEU C 115 -20.49 -2.20 -2.58
C LEU C 115 -20.12 -0.76 -2.25
N ALA C 116 -19.70 -0.51 -1.02
CA ALA C 116 -19.33 0.85 -0.63
C ALA C 116 -18.14 1.29 -1.45
N HIS C 117 -17.26 0.35 -1.75
CA HIS C 117 -16.07 0.64 -2.54
C HIS C 117 -16.52 1.09 -3.93
N LYS C 118 -17.49 0.38 -4.49
CA LYS C 118 -18.01 0.74 -5.82
C LYS C 118 -18.77 2.05 -5.77
N ALA C 119 -19.39 2.36 -4.62
CA ALA C 119 -20.12 3.60 -4.47
C ALA C 119 -19.17 4.78 -4.54
N ASP C 120 -17.92 4.53 -4.14
CA ASP C 120 -16.92 5.58 -4.14
C ASP C 120 -16.43 5.89 -5.55
N GLU C 121 -17.04 5.21 -6.53
CA GLU C 121 -16.72 5.43 -7.94
C GLU C 121 -17.82 6.27 -8.60
N LEU C 122 -18.94 6.42 -7.90
CA LEU C 122 -20.08 7.19 -8.40
C LEU C 122 -19.76 8.67 -8.58
N PRO C 123 -20.35 9.30 -9.62
CA PRO C 123 -20.11 10.71 -9.86
C PRO C 123 -20.91 11.56 -8.89
N LEU C 124 -20.62 12.84 -8.84
CA LEU C 124 -21.36 13.75 -7.97
C LEU C 124 -22.50 14.35 -8.80
N ILE C 125 -22.24 14.48 -10.10
CA ILE C 125 -23.19 15.09 -11.02
C ILE C 125 -23.33 14.29 -12.30
N ILE C 126 -24.56 14.15 -12.78
CA ILE C 126 -24.85 13.44 -14.01
C ILE C 126 -25.54 14.38 -15.01
N GLU C 127 -25.04 14.41 -16.24
CA GLU C 127 -25.61 15.25 -17.30
C GLU C 127 -26.24 14.34 -18.33
N LEU C 128 -27.55 14.43 -18.48
CA LEU C 128 -28.26 13.59 -19.43
C LEU C 128 -28.75 14.42 -20.62
N VAL C 129 -28.46 13.94 -21.82
CA VAL C 129 -28.91 14.65 -23.02
C VAL C 129 -30.03 13.82 -23.63
N SER C 130 -31.20 14.44 -23.79
CA SER C 130 -32.35 13.75 -24.35
C SER C 130 -33.10 14.64 -25.33
N LYS C 131 -33.02 14.31 -26.61
CA LYS C 131 -33.71 15.10 -27.63
C LYS C 131 -33.45 16.59 -27.46
N ASP C 132 -32.19 17.00 -27.64
CA ASP C 132 -31.82 18.41 -27.51
C ASP C 132 -32.24 19.02 -26.17
N LYS C 133 -32.27 18.20 -25.13
CA LYS C 133 -32.64 18.67 -23.80
C LYS C 133 -31.50 18.26 -22.86
N LYS C 134 -31.04 19.19 -22.04
CA LYS C 134 -29.96 18.91 -21.12
C LYS C 134 -30.39 18.85 -19.65
N TYR C 135 -30.36 17.65 -19.07
CA TYR C 135 -30.75 17.45 -17.68
C TYR C 135 -29.52 17.25 -16.79
N VAL C 136 -29.52 17.92 -15.64
CA VAL C 136 -28.43 17.81 -14.69
C VAL C 136 -28.98 17.27 -13.37
N ILE C 137 -28.48 16.10 -12.97
CA ILE C 137 -28.90 15.44 -11.74
C ILE C 137 -27.83 15.51 -10.66
N CYS C 138 -28.20 16.03 -9.49
CA CYS C 138 -27.30 16.13 -8.34
C CYS C 138 -28.13 15.66 -7.14
N HIS C 139 -27.47 15.26 -6.06
CA HIS C 139 -28.21 14.79 -4.91
C HIS C 139 -28.95 15.90 -4.18
N ALA C 140 -28.24 16.99 -3.91
CA ALA C 140 -28.84 18.08 -3.18
C ALA C 140 -28.88 19.42 -3.90
N ASP C 141 -27.81 19.76 -4.61
CA ASP C 141 -27.77 21.07 -5.26
C ASP C 141 -26.58 21.24 -6.19
N TYR C 142 -26.65 22.27 -7.03
CA TYR C 142 -25.56 22.65 -7.91
C TYR C 142 -25.32 24.06 -7.41
N PRO C 143 -24.30 24.23 -6.56
CA PRO C 143 -23.91 25.51 -5.94
C PRO C 143 -23.34 26.61 -6.82
N PHE C 144 -23.97 26.85 -7.97
CA PHE C 144 -23.55 27.90 -8.90
C PHE C 144 -24.77 28.47 -9.64
N ASP C 145 -24.63 29.69 -10.15
CA ASP C 145 -25.72 30.31 -10.90
C ASP C 145 -25.66 29.83 -12.35
N GLU C 146 -24.53 29.28 -12.74
CA GLU C 146 -24.34 28.77 -14.08
C GLU C 146 -23.68 27.41 -14.06
N TYR C 147 -24.19 26.49 -14.86
CA TYR C 147 -23.65 25.14 -14.96
C TYR C 147 -22.72 24.98 -16.16
N GLU C 148 -21.64 24.22 -15.96
CA GLU C 148 -20.67 23.94 -17.00
C GLU C 148 -20.10 22.56 -16.71
N PHE C 149 -20.22 21.66 -17.66
CA PHE C 149 -19.72 20.31 -17.46
C PHE C 149 -18.24 20.33 -17.05
N GLY C 150 -17.94 19.77 -15.88
CA GLY C 150 -16.56 19.72 -15.42
C GLY C 150 -16.14 20.87 -14.55
N LYS C 151 -16.98 21.89 -14.43
CA LYS C 151 -16.65 23.05 -13.61
C LYS C 151 -16.34 22.62 -12.17
N PRO C 152 -15.14 22.94 -11.67
CA PRO C 152 -14.80 22.55 -10.30
C PRO C 152 -15.90 23.00 -9.34
N VAL C 153 -16.30 22.12 -8.44
CA VAL C 153 -17.37 22.43 -7.50
C VAL C 153 -17.17 21.86 -6.09
N ASP C 154 -17.72 22.55 -5.10
CA ASP C 154 -17.62 22.13 -3.71
C ASP C 154 -18.43 20.83 -3.51
N HIS C 155 -17.73 19.70 -3.48
CA HIS C 155 -18.36 18.39 -3.32
C HIS C 155 -19.35 18.34 -2.16
N GLN C 156 -18.96 18.91 -1.03
CA GLN C 156 -19.81 18.89 0.15
C GLN C 156 -21.14 19.61 -0.07
N GLN C 157 -21.10 20.74 -0.77
CA GLN C 157 -22.31 21.50 -1.04
C GLN C 157 -23.27 20.74 -1.95
N VAL C 158 -22.71 20.06 -2.94
CA VAL C 158 -23.50 19.31 -3.90
C VAL C 158 -24.35 18.22 -3.25
N ILE C 159 -23.86 17.63 -2.16
CA ILE C 159 -24.59 16.56 -1.50
C ILE C 159 -25.22 16.91 -0.15
N TRP C 160 -24.98 18.12 0.34
CA TRP C 160 -25.54 18.52 1.64
C TRP C 160 -26.40 19.79 1.66
N ASN C 161 -26.08 20.72 0.77
CA ASN C 161 -26.77 22.01 0.72
C ASN C 161 -28.29 22.02 0.61
N ARG C 162 -28.94 22.73 1.53
CA ARG C 162 -30.40 22.87 1.54
C ARG C 162 -30.77 24.35 1.48
N GLU C 163 -29.80 25.22 1.27
CA GLU C 163 -30.06 26.65 1.23
C GLU C 163 -30.86 27.12 0.01
N ARG C 164 -30.59 26.56 -1.15
CA ARG C 164 -31.32 26.97 -2.34
C ARG C 164 -32.81 26.66 -2.21
N ILE C 165 -33.13 25.43 -1.80
CA ILE C 165 -34.53 25.03 -1.64
C ILE C 165 -35.21 25.90 -0.58
N SER C 166 -34.46 26.26 0.46
CA SER C 166 -34.99 27.10 1.52
C SER C 166 -35.27 28.51 1.01
N ASN C 167 -34.39 29.02 0.15
CA ASN C 167 -34.58 30.36 -0.39
C ASN C 167 -35.78 30.37 -1.33
N SER C 168 -35.87 29.33 -2.15
CA SER C 168 -36.97 29.20 -3.08
C SER C 168 -38.31 29.23 -2.35
N GLN C 169 -38.39 28.49 -1.25
CA GLN C 169 -39.62 28.47 -0.46
C GLN C 169 -39.85 29.83 0.22
N ASN C 170 -38.78 30.59 0.42
CA ASN C 170 -38.89 31.89 1.05
C ASN C 170 -39.27 32.97 0.03
N GLY C 171 -39.45 32.58 -1.22
CA GLY C 171 -39.84 33.53 -2.24
C GLY C 171 -38.74 34.03 -3.17
N ILE C 172 -37.55 33.45 -3.05
CA ILE C 172 -36.44 33.84 -3.89
C ILE C 172 -36.21 32.77 -4.94
N VAL C 173 -36.81 32.95 -6.10
CA VAL C 173 -36.71 31.98 -7.18
C VAL C 173 -35.79 32.45 -8.29
N LYS C 174 -34.79 31.64 -8.62
CA LYS C 174 -33.83 31.99 -9.67
C LYS C 174 -33.46 30.75 -10.47
N GLU C 175 -33.28 30.95 -11.77
CA GLU C 175 -32.90 29.87 -12.65
C GLU C 175 -31.39 29.64 -12.54
N ILE C 176 -30.93 28.49 -13.04
CA ILE C 176 -29.51 28.17 -13.07
C ILE C 176 -29.22 28.03 -14.56
N LYS C 177 -28.38 28.90 -15.10
CA LYS C 177 -28.06 28.82 -16.53
C LYS C 177 -27.18 27.63 -16.84
N GLY C 178 -27.20 27.19 -18.10
CA GLY C 178 -26.35 26.08 -18.50
C GLY C 178 -27.05 24.79 -18.90
N ALA C 179 -28.23 24.56 -18.36
CA ALA C 179 -28.98 23.36 -18.68
C ALA C 179 -30.47 23.67 -18.60
N ASP C 180 -31.28 22.80 -19.19
CA ASP C 180 -32.73 23.01 -19.21
C ASP C 180 -33.41 22.71 -17.89
N THR C 181 -33.03 21.61 -17.24
CA THR C 181 -33.65 21.23 -15.98
C THR C 181 -32.68 20.56 -15.02
N PHE C 182 -32.81 20.90 -13.74
CA PHE C 182 -32.00 20.30 -12.68
C PHE C 182 -32.90 19.47 -11.79
N ILE C 183 -32.47 18.25 -11.49
CA ILE C 183 -33.24 17.34 -10.65
C ILE C 183 -32.48 17.00 -9.38
N PHE C 184 -33.09 17.30 -8.25
CA PHE C 184 -32.49 17.06 -6.94
C PHE C 184 -33.34 16.20 -6.01
N GLY C 185 -32.69 15.63 -5.00
CA GLY C 185 -33.37 14.82 -4.00
C GLY C 185 -33.03 15.52 -2.70
N HIS C 186 -32.58 14.76 -1.71
CA HIS C 186 -32.12 15.30 -0.41
C HIS C 186 -33.11 15.99 0.53
N THR C 187 -33.89 16.93 0.03
CA THR C 187 -34.85 17.62 0.90
C THR C 187 -36.25 17.09 0.63
N PRO C 188 -36.81 16.34 1.60
CA PRO C 188 -38.16 15.76 1.48
C PRO C 188 -39.21 16.83 1.18
N ALA C 189 -40.16 16.49 0.32
CA ALA C 189 -41.22 17.42 -0.03
C ALA C 189 -42.53 16.65 -0.08
N VAL C 190 -43.61 17.32 0.32
CA VAL C 190 -44.90 16.68 0.33
C VAL C 190 -45.29 16.19 -1.06
N LYS C 191 -44.90 16.95 -2.07
CA LYS C 191 -45.15 16.61 -3.47
C LYS C 191 -43.94 17.07 -4.25
N PRO C 192 -43.72 16.52 -5.46
CA PRO C 192 -42.55 16.97 -6.22
C PRO C 192 -42.69 18.47 -6.42
N LEU C 193 -41.63 19.22 -6.13
CA LEU C 193 -41.68 20.68 -6.25
C LEU C 193 -40.81 21.18 -7.38
N LYS C 194 -41.15 22.34 -7.91
CA LYS C 194 -40.37 22.93 -8.97
C LYS C 194 -40.33 24.44 -8.83
N PHE C 195 -39.11 24.99 -8.85
CA PHE C 195 -38.88 26.42 -8.75
C PHE C 195 -37.94 26.77 -9.90
N ALA C 196 -38.39 27.67 -10.78
CA ALA C 196 -37.60 28.04 -11.94
C ALA C 196 -37.31 26.72 -12.65
N ASN C 197 -36.03 26.43 -12.89
CA ASN C 197 -35.68 25.17 -13.57
C ASN C 197 -35.11 24.10 -12.63
N GLN C 198 -35.47 24.17 -11.35
CA GLN C 198 -35.00 23.20 -10.36
C GLN C 198 -36.15 22.30 -9.88
N MET C 199 -35.98 21.01 -10.06
CA MET C 199 -36.98 20.03 -9.63
C MET C 199 -36.50 19.24 -8.41
N TYR C 200 -37.37 19.13 -7.41
CA TYR C 200 -37.06 18.38 -6.21
C TYR C 200 -37.99 17.18 -6.16
N ILE C 201 -37.43 15.98 -6.28
CA ILE C 201 -38.25 14.78 -6.31
C ILE C 201 -38.17 13.83 -5.14
N ASP C 202 -37.62 14.27 -4.02
CA ASP C 202 -37.56 13.42 -2.85
C ASP C 202 -38.86 13.64 -2.09
N THR C 203 -39.81 12.72 -2.26
CA THR C 203 -41.09 12.84 -1.58
C THR C 203 -41.12 12.00 -0.28
N GLY C 204 -39.93 11.71 0.23
CA GLY C 204 -39.80 10.96 1.48
C GLY C 204 -40.37 9.55 1.51
N ALA C 205 -40.01 8.73 0.53
CA ALA C 205 -40.52 7.36 0.46
C ALA C 205 -40.32 6.58 1.76
N VAL C 206 -39.17 6.76 2.41
CA VAL C 206 -38.89 6.04 3.63
C VAL C 206 -39.73 6.54 4.82
N PHE C 207 -40.21 7.78 4.75
CA PHE C 207 -41.03 8.34 5.82
C PHE C 207 -42.51 8.05 5.64
N CYS C 208 -42.96 8.03 4.39
CA CYS C 208 -44.39 7.83 4.12
C CYS C 208 -44.73 6.87 2.99
N GLY C 209 -43.73 6.30 2.33
CA GLY C 209 -44.00 5.36 1.26
C GLY C 209 -44.23 5.95 -0.13
N ASN C 210 -44.15 7.27 -0.25
CA ASN C 210 -44.36 7.95 -1.55
C ASN C 210 -43.03 8.09 -2.30
N LEU C 211 -42.78 7.18 -3.23
CA LEU C 211 -41.54 7.20 -4.00
C LEU C 211 -41.84 7.83 -5.37
N THR C 212 -41.10 8.89 -5.70
CA THR C 212 -41.30 9.58 -6.96
C THR C 212 -40.38 9.11 -8.09
N LEU C 213 -40.99 8.82 -9.24
CA LEU C 213 -40.28 8.39 -10.46
C LEU C 213 -40.81 9.32 -11.55
N ILE C 214 -39.95 10.17 -12.11
CA ILE C 214 -40.39 11.05 -13.17
C ILE C 214 -39.73 10.60 -14.47
N GLN C 215 -40.52 10.51 -15.53
CA GLN C 215 -40.01 10.09 -16.83
C GLN C 215 -39.46 11.29 -17.60
N VAL C 216 -38.19 11.24 -17.98
CA VAL C 216 -37.57 12.34 -18.72
C VAL C 216 -37.41 12.06 -20.22
N GLN C 217 -37.66 10.82 -20.63
CA GLN C 217 -37.56 10.43 -22.04
C GLN C 217 -38.49 9.25 -22.31
N GLY C 218 -39.16 9.28 -23.45
CA GLY C 218 -40.06 8.20 -23.80
C GLY C 218 -41.48 8.69 -24.04
N ALA C 219 -42.30 7.83 -24.62
CA ALA C 219 -43.68 8.17 -24.93
C ALA C 219 -44.42 8.82 -23.76
N GLY C 220 -44.28 8.23 -22.56
CA GLY C 220 -44.96 8.79 -21.40
C GLY C 220 -44.27 9.99 -20.78
N ALA C 221 -43.10 10.35 -21.29
CA ALA C 221 -42.34 11.48 -20.77
C ALA C 221 -43.08 12.80 -20.93
#